data_3NBK
#
_entry.id   3NBK
#
_cell.length_a   114.627
_cell.length_b   114.627
_cell.length_c   135.206
_cell.angle_alpha   90.00
_cell.angle_beta   90.00
_cell.angle_gamma   120.00
#
_symmetry.space_group_name_H-M   'P 3 2 1'
#
loop_
_entity.id
_entity.type
_entity.pdbx_description
1 polymer 'Phosphopantetheine adenylyltransferase'
2 non-polymer "4'-PHOSPHOPANTETHEINE"
3 non-polymer 'NICKEL (II) ION'
4 water water
#
_entity_poly.entity_id   1
_entity_poly.type   'polypeptide(L)'
_entity_poly.pdbx_seq_one_letter_code
;MGSSHHHHHHSSGLVPRGSHMTGAVCPGSFDPVTLGHVDIFERAAAQFDEVVVAILVNPAKTGMFDLDERIAMVKESTTH
LPNLRVQVGHGLVVDFVRSCGMTAIVKGLRTGTDFEYELQMAQMNKHIAGVDTFFVATAPRYSFVSSSLAKEVAMLGGDV
SELLPEPVNRRLRDRLN
;
_entity_poly.pdbx_strand_id   A,B,C,D
#
# COMPACT_ATOMS: atom_id res chain seq x y z
N HIS A 20 8.96 14.14 -11.83
CA HIS A 20 8.66 12.71 -11.66
C HIS A 20 9.93 11.90 -11.49
N MET A 21 11.00 12.32 -12.15
CA MET A 21 12.28 11.62 -12.07
C MET A 21 13.02 11.98 -10.79
N THR A 22 13.41 10.96 -10.03
CA THR A 22 14.13 11.15 -8.78
C THR A 22 15.63 11.13 -9.04
N GLY A 23 16.41 11.64 -8.09
CA GLY A 23 17.84 11.70 -8.31
C GLY A 23 18.65 11.99 -7.08
N ALA A 24 19.85 11.45 -7.05
CA ALA A 24 20.77 11.71 -5.95
C ALA A 24 22.15 11.99 -6.48
N VAL A 25 22.87 12.85 -5.77
CA VAL A 25 24.27 13.11 -6.04
C VAL A 25 25.11 12.40 -4.98
N CYS A 26 26.17 11.74 -5.43
CA CYS A 26 27.15 11.10 -4.54
C CYS A 26 28.46 11.90 -4.65
N PRO A 27 28.66 12.88 -3.75
CA PRO A 27 29.83 13.75 -3.83
C PRO A 27 31.03 13.19 -3.06
N GLY A 28 32.20 13.62 -3.46
CA GLY A 28 33.41 13.20 -2.79
C GLY A 28 34.65 13.68 -3.48
N SER A 29 35.80 13.45 -2.84
CA SER A 29 37.08 13.73 -3.45
C SER A 29 37.63 12.56 -4.27
N PHE A 30 37.26 11.32 -3.90
CA PHE A 30 37.59 10.10 -4.66
C PHE A 30 39.04 10.06 -5.14
N ASP A 31 39.97 10.09 -4.18
CA ASP A 31 41.40 10.13 -4.49
C ASP A 31 42.17 8.96 -3.85
N PRO A 32 41.96 7.72 -4.34
CA PRO A 32 41.11 7.29 -5.44
C PRO A 32 39.78 6.74 -4.95
N VAL A 33 38.85 6.55 -5.88
CA VAL A 33 37.63 5.81 -5.58
C VAL A 33 37.95 4.39 -5.04
N THR A 34 37.19 3.94 -4.04
CA THR A 34 37.37 2.60 -3.49
C THR A 34 36.12 1.74 -3.73
N LEU A 35 36.20 0.45 -3.40
CA LEU A 35 35.01 -0.40 -3.48
C LEU A 35 33.95 -0.04 -2.42
N GLY A 36 34.37 0.68 -1.38
CA GLY A 36 33.41 1.24 -0.41
C GLY A 36 32.55 2.28 -1.09
N HIS A 37 33.20 3.16 -1.86
CA HIS A 37 32.47 4.14 -2.64
C HIS A 37 31.56 3.49 -3.67
N VAL A 38 32.08 2.51 -4.39
CA VAL A 38 31.28 1.84 -5.43
C VAL A 38 30.06 1.15 -4.84
N ASP A 39 30.21 0.54 -3.67
CA ASP A 39 29.08 -0.07 -2.98
C ASP A 39 27.96 0.95 -2.77
N ILE A 40 28.33 2.16 -2.35
CA ILE A 40 27.35 3.19 -2.09
C ILE A 40 26.73 3.68 -3.41
N PHE A 41 27.57 3.84 -4.45
CA PHE A 41 27.03 4.22 -5.78
C PHE A 41 25.98 3.20 -6.22
N GLU A 42 26.23 1.93 -5.97
CA GLU A 42 25.30 0.86 -6.36
C GLU A 42 23.97 0.99 -5.63
N ARG A 43 24.02 1.28 -4.32
CA ARG A 43 22.79 1.46 -3.54
C ARG A 43 21.99 2.65 -4.06
N ALA A 44 22.68 3.76 -4.32
CA ALA A 44 22.01 4.96 -4.81
C ALA A 44 21.39 4.68 -6.18
N ALA A 45 22.13 3.99 -7.03
CA ALA A 45 21.63 3.69 -8.38
C ALA A 45 20.43 2.74 -8.35
N ALA A 46 20.35 1.89 -7.33
CA ALA A 46 19.22 1.00 -7.17
C ALA A 46 17.95 1.70 -6.70
N GLN A 47 18.10 2.86 -6.04
CA GLN A 47 16.97 3.46 -5.33
C GLN A 47 16.54 4.81 -5.86
N PHE A 48 17.32 5.38 -6.78
CA PHE A 48 17.03 6.67 -7.41
C PHE A 48 17.07 6.52 -8.94
N ASP A 49 16.24 7.28 -9.64
CA ASP A 49 16.15 7.15 -11.08
C ASP A 49 17.48 7.49 -11.74
N GLU A 50 18.14 8.53 -11.25
CA GLU A 50 19.44 8.93 -11.76
C GLU A 50 20.42 9.25 -10.64
N VAL A 51 21.68 8.89 -10.84
CA VAL A 51 22.73 9.21 -9.87
C VAL A 51 23.81 9.98 -10.57
N VAL A 52 24.32 11.03 -9.91
CA VAL A 52 25.47 11.76 -10.40
C VAL A 52 26.56 11.66 -9.36
N VAL A 53 27.70 11.09 -9.75
CA VAL A 53 28.91 11.14 -8.88
C VAL A 53 29.58 12.47 -9.13
N ALA A 54 29.75 13.28 -8.08
CA ALA A 54 30.36 14.59 -8.21
C ALA A 54 31.74 14.57 -7.57
N ILE A 55 32.76 14.92 -8.35
CA ILE A 55 34.11 14.93 -7.84
C ILE A 55 34.45 16.37 -7.51
N LEU A 56 34.73 16.59 -6.24
CA LEU A 56 35.03 17.92 -5.80
C LEU A 56 36.41 17.83 -5.18
N VAL A 57 37.38 18.44 -5.84
CA VAL A 57 38.75 18.46 -5.40
C VAL A 57 39.03 19.59 -4.40
N ASN A 58 39.78 19.25 -3.37
CA ASN A 58 40.09 20.22 -2.36
C ASN A 58 41.28 21.05 -2.83
N PRO A 59 41.03 22.33 -3.01
CA PRO A 59 42.02 23.24 -3.53
C PRO A 59 43.16 23.43 -2.56
N ALA A 60 43.03 22.89 -1.34
CA ALA A 60 44.05 23.05 -0.32
C ALA A 60 44.68 21.72 0.18
N LYS A 61 44.47 20.65 -0.58
CA LYS A 61 45.10 19.36 -0.32
C LYS A 61 45.56 18.67 -1.62
N THR A 62 46.87 18.74 -1.88
CA THR A 62 47.46 18.10 -3.01
C THR A 62 47.13 16.63 -2.86
N GLY A 63 46.41 16.06 -3.76
CA GLY A 63 46.13 14.66 -3.63
C GLY A 63 47.12 13.87 -4.39
N MET A 64 46.83 12.61 -4.53
CA MET A 64 47.69 11.73 -5.28
C MET A 64 47.37 11.79 -6.78
N PHE A 65 46.08 11.74 -7.10
CA PHE A 65 45.63 11.70 -8.49
C PHE A 65 45.06 13.03 -8.90
N ASP A 66 45.37 13.45 -10.13
CA ASP A 66 44.77 14.68 -10.62
C ASP A 66 43.30 14.47 -10.96
N LEU A 67 42.60 15.58 -11.17
CA LEU A 67 41.16 15.54 -11.44
C LEU A 67 40.78 14.60 -12.59
N ASP A 68 41.50 14.70 -13.71
CA ASP A 68 41.21 13.84 -14.86
C ASP A 68 41.31 12.34 -14.50
N GLU A 69 42.35 11.98 -13.75
CA GLU A 69 42.54 10.59 -13.33
C GLU A 69 41.42 10.15 -12.39
N ARG A 70 41.02 11.03 -11.47
CA ARG A 70 39.94 10.69 -10.54
C ARG A 70 38.64 10.41 -11.28
N ILE A 71 38.33 11.27 -12.26
CA ILE A 71 37.13 11.09 -13.07
C ILE A 71 37.19 9.77 -13.82
N ALA A 72 38.33 9.49 -14.46
CA ALA A 72 38.48 8.26 -15.23
C ALA A 72 38.33 7.02 -14.37
N MET A 73 38.92 7.05 -13.17
CA MET A 73 38.80 5.91 -12.28
C MET A 73 37.36 5.65 -11.87
N VAL A 74 36.61 6.71 -11.56
CA VAL A 74 35.20 6.52 -11.24
C VAL A 74 34.41 6.00 -12.44
N LYS A 75 34.58 6.61 -13.62
CA LYS A 75 33.83 6.18 -14.80
C LYS A 75 34.14 4.71 -15.12
N GLU A 76 35.43 4.37 -15.13
CA GLU A 76 35.84 3.00 -15.48
C GLU A 76 35.34 1.96 -14.47
N SER A 77 35.06 2.42 -13.25
CA SER A 77 34.65 1.52 -12.17
C SER A 77 33.13 1.39 -12.01
N THR A 78 32.38 2.12 -12.84
CA THR A 78 30.92 2.18 -12.69
C THR A 78 30.16 1.85 -13.97
N THR A 79 30.83 1.19 -14.92
CA THR A 79 30.16 0.85 -16.19
C THR A 79 28.95 -0.07 -16.02
N HIS A 80 28.87 -0.78 -14.89
CA HIS A 80 27.75 -1.66 -14.58
C HIS A 80 26.51 -0.94 -14.04
N LEU A 81 26.60 0.39 -13.90
CA LEU A 81 25.50 1.19 -13.37
C LEU A 81 24.98 2.11 -14.47
N PRO A 82 23.93 1.65 -15.18
CA PRO A 82 23.48 2.37 -16.39
C PRO A 82 22.93 3.76 -16.14
N ASN A 83 22.42 4.00 -14.93
CA ASN A 83 21.76 5.26 -14.60
C ASN A 83 22.63 6.20 -13.79
N LEU A 84 23.95 6.01 -13.88
CA LEU A 84 24.92 6.83 -13.16
C LEU A 84 25.79 7.57 -14.17
N ARG A 85 26.07 8.84 -13.87
CA ARG A 85 27.05 9.62 -14.60
C ARG A 85 28.03 10.30 -13.64
N VAL A 86 29.14 10.76 -14.19
CA VAL A 86 30.22 11.36 -13.38
C VAL A 86 30.50 12.76 -13.86
N GLN A 87 30.57 13.71 -12.91
CA GLN A 87 30.81 15.12 -13.22
C GLN A 87 31.75 15.75 -12.22
N VAL A 88 32.32 16.90 -12.61
CA VAL A 88 33.15 17.72 -11.71
C VAL A 88 32.29 18.78 -11.05
N GLY A 89 32.49 18.98 -9.74
CA GLY A 89 31.89 20.12 -9.02
C GLY A 89 32.96 21.12 -8.64
N HIS A 90 32.65 22.41 -8.70
CA HIS A 90 33.68 23.45 -8.55
C HIS A 90 33.57 24.38 -7.34
N GLY A 91 32.44 24.31 -6.64
CA GLY A 91 32.20 25.18 -5.49
C GLY A 91 31.47 24.41 -4.40
N LEU A 92 30.34 24.95 -3.95
CA LEU A 92 29.56 24.31 -2.89
C LEU A 92 28.93 23.05 -3.44
N VAL A 93 28.98 21.97 -2.66
CA VAL A 93 28.31 20.77 -3.12
C VAL A 93 26.82 21.04 -3.37
N VAL A 94 26.18 21.89 -2.55
CA VAL A 94 24.75 22.13 -2.75
C VAL A 94 24.45 22.88 -4.06
N ASP A 95 25.38 23.73 -4.49
CA ASP A 95 25.23 24.40 -5.78
C ASP A 95 25.32 23.39 -6.91
N PHE A 96 26.23 22.42 -6.78
CA PHE A 96 26.31 21.36 -7.78
C PHE A 96 25.01 20.55 -7.80
N VAL A 97 24.53 20.14 -6.63
CA VAL A 97 23.31 19.35 -6.54
C VAL A 97 22.11 20.06 -7.21
N ARG A 98 21.94 21.33 -6.90
CA ARG A 98 20.80 22.09 -7.45
CA ARG A 98 20.82 22.04 -7.47
C ARG A 98 20.99 22.28 -8.98
N SER A 99 22.21 22.40 -9.42
CA SER A 99 22.47 22.54 -10.87
C SER A 99 22.04 21.30 -11.64
N CYS A 100 22.01 20.15 -10.97
CA CYS A 100 21.53 18.90 -11.58
C CYS A 100 20.01 18.74 -11.51
N GLY A 101 19.33 19.75 -10.96
CA GLY A 101 17.89 19.70 -10.74
C GLY A 101 17.51 18.70 -9.66
N MET A 102 18.44 18.47 -8.72
CA MET A 102 18.24 17.50 -7.65
C MET A 102 18.25 18.17 -6.30
N THR A 103 17.88 17.44 -5.26
CA THR A 103 17.88 17.98 -3.91
C THR A 103 18.32 16.95 -2.88
N ALA A 104 19.03 15.92 -3.34
CA ALA A 104 19.45 14.82 -2.46
C ALA A 104 20.91 14.48 -2.67
N ILE A 105 21.57 14.19 -1.55
CA ILE A 105 22.94 13.71 -1.52
C ILE A 105 22.92 12.36 -0.84
N VAL A 106 23.72 11.41 -1.34
CA VAL A 106 23.87 10.11 -0.67
C VAL A 106 25.34 9.96 -0.28
N LYS A 107 25.59 9.68 1.00
CA LYS A 107 26.96 9.54 1.56
C LYS A 107 27.11 8.19 2.26
N GLY A 108 28.25 7.53 2.06
CA GLY A 108 28.50 6.28 2.74
C GLY A 108 29.09 6.42 4.14
N LEU A 109 28.80 5.42 4.97
CA LEU A 109 29.36 5.29 6.32
C LEU A 109 30.25 4.05 6.34
N ARG A 110 31.39 4.14 7.01
CA ARG A 110 32.30 3.01 7.11
C ARG A 110 32.94 3.07 8.49
N THR A 111 33.74 2.07 8.80
CA THR A 111 34.56 2.12 10.01
C THR A 111 35.58 3.24 9.84
N GLY A 112 35.54 4.20 10.76
CA GLY A 112 36.42 5.36 10.70
C GLY A 112 35.81 6.64 10.17
N THR A 113 34.57 6.57 9.69
CA THR A 113 33.87 7.79 9.27
C THR A 113 33.80 8.79 10.43
N ASP A 114 34.08 10.06 10.14
CA ASP A 114 33.86 11.13 11.11
C ASP A 114 32.38 11.49 11.01
N PHE A 115 31.56 10.71 11.71
CA PHE A 115 30.12 10.85 11.52
C PHE A 115 29.59 12.18 12.03
N GLU A 116 30.17 12.67 13.13
CA GLU A 116 29.72 13.95 13.66
CA GLU A 116 29.68 14.04 13.68
C GLU A 116 29.95 15.09 12.66
N TYR A 117 31.08 15.03 11.92
CA TYR A 117 31.31 16.03 10.88
C TYR A 117 30.37 15.84 9.69
N GLU A 118 30.13 14.58 9.32
CA GLU A 118 29.12 14.34 8.27
C GLU A 118 27.76 14.90 8.66
N LEU A 119 27.36 14.70 9.91
CA LEU A 119 26.09 15.25 10.37
C LEU A 119 26.10 16.78 10.32
N GLN A 120 27.21 17.38 10.70
CA GLN A 120 27.32 18.83 10.68
C GLN A 120 27.15 19.37 9.25
N MET A 121 27.86 18.75 8.31
CA MET A 121 27.74 19.13 6.90
C MET A 121 26.31 18.89 6.40
N ALA A 122 25.68 17.79 6.80
CA ALA A 122 24.30 17.53 6.36
C ALA A 122 23.36 18.63 6.84
N GLN A 123 23.51 19.03 8.10
CA GLN A 123 22.63 20.07 8.62
C GLN A 123 22.90 21.42 7.94
N MET A 124 24.19 21.68 7.68
CA MET A 124 24.58 22.92 6.98
C MET A 124 24.02 22.94 5.55
N ASN A 125 24.13 21.80 4.88
CA ASN A 125 23.68 21.69 3.48
C ASN A 125 22.17 21.85 3.37
N LYS A 126 21.44 21.32 4.36
CA LYS A 126 19.99 21.50 4.42
C LYS A 126 19.63 22.96 4.68
N HIS A 127 20.36 23.59 5.61
CA HIS A 127 20.10 24.99 5.93
C HIS A 127 20.30 25.93 4.73
N ILE A 128 21.41 25.76 4.03
CA ILE A 128 21.77 26.75 3.00
C ILE A 128 21.05 26.53 1.68
N ALA A 129 20.61 25.30 1.40
CA ALA A 129 20.04 25.00 0.08
C ALA A 129 18.85 24.06 0.07
N GLY A 130 18.41 23.61 1.25
CA GLY A 130 17.28 22.69 1.33
C GLY A 130 17.56 21.27 0.85
N VAL A 131 18.84 20.95 0.70
CA VAL A 131 19.29 19.65 0.17
C VAL A 131 19.31 18.62 1.30
N ASP A 132 18.70 17.47 1.07
CA ASP A 132 18.66 16.36 2.05
C ASP A 132 19.87 15.47 1.85
N THR A 133 20.40 14.92 2.95
CA THR A 133 21.48 13.94 2.88
C THR A 133 21.02 12.61 3.46
N PHE A 134 21.25 11.55 2.69
CA PHE A 134 20.91 10.18 3.11
C PHE A 134 22.20 9.42 3.31
N PHE A 135 22.36 8.81 4.47
CA PHE A 135 23.55 8.05 4.80
C PHE A 135 23.25 6.56 4.71
N VAL A 136 24.20 5.79 4.18
CA VAL A 136 24.02 4.35 4.06
CA VAL A 136 23.97 4.44 4.08
C VAL A 136 25.30 3.67 4.49
N ALA A 137 25.17 2.60 5.23
CA ALA A 137 26.30 1.83 5.67
C ALA A 137 26.87 0.96 4.58
N THR A 138 28.16 1.06 4.44
CA THR A 138 28.92 0.28 3.46
CA THR A 138 28.88 0.29 3.48
C THR A 138 28.83 -1.20 3.83
N ALA A 139 28.90 -2.05 2.83
CA ALA A 139 28.96 -3.49 3.04
C ALA A 139 30.14 -3.83 3.95
N PRO A 140 29.95 -4.77 4.89
CA PRO A 140 31.06 -5.06 5.83
C PRO A 140 32.42 -5.33 5.19
N ARG A 141 32.45 -6.06 4.07
CA ARG A 141 33.75 -6.38 3.46
C ARG A 141 34.49 -5.14 2.94
N TYR A 142 33.72 -4.08 2.66
CA TYR A 142 34.31 -2.83 2.18
C TYR A 142 34.24 -1.72 3.22
N SER A 143 34.01 -2.10 4.47
CA SER A 143 33.79 -1.15 5.55
C SER A 143 35.04 -0.57 6.19
N PHE A 144 36.22 -1.04 5.81
CA PHE A 144 37.45 -0.54 6.44
C PHE A 144 38.44 0.03 5.43
N VAL A 145 38.06 0.08 4.16
CA VAL A 145 38.88 0.78 3.20
C VAL A 145 38.50 2.26 3.21
N SER A 146 39.50 3.13 3.05
CA SER A 146 39.27 4.54 2.75
C SER A 146 40.32 4.94 1.72
N SER A 147 40.10 6.06 1.04
CA SER A 147 41.09 6.52 0.06
C SER A 147 42.45 6.70 0.70
N SER A 148 42.46 7.39 1.85
CA SER A 148 43.73 7.72 2.51
CA SER A 148 43.68 7.81 2.53
C SER A 148 44.47 6.47 2.98
N LEU A 149 43.74 5.55 3.63
CA LEU A 149 44.39 4.36 4.16
C LEU A 149 44.82 3.41 3.06
N ALA A 150 44.03 3.30 2.00
CA ALA A 150 44.41 2.48 0.86
C ALA A 150 45.72 2.99 0.24
N LYS A 151 45.84 4.31 0.06
CA LYS A 151 47.08 4.90 -0.48
C LYS A 151 48.26 4.61 0.44
N GLU A 152 48.07 4.81 1.74
CA GLU A 152 49.14 4.60 2.70
C GLU A 152 49.66 3.18 2.66
N VAL A 153 48.74 2.22 2.67
CA VAL A 153 49.10 0.81 2.64
C VAL A 153 49.75 0.46 1.31
N ALA A 154 49.13 0.88 0.20
CA ALA A 154 49.68 0.57 -1.12
C ALA A 154 51.10 1.11 -1.32
N MET A 155 51.33 2.35 -0.88
CA MET A 155 52.65 3.01 -1.02
CA MET A 155 52.60 3.10 -1.00
C MET A 155 53.74 2.30 -0.22
N LEU A 156 53.33 1.56 0.81
CA LEU A 156 54.26 0.79 1.63
C LEU A 156 54.33 -0.69 1.19
N GLY A 157 53.70 -0.99 0.07
CA GLY A 157 53.80 -2.32 -0.53
C GLY A 157 52.78 -3.34 -0.08
N GLY A 158 51.75 -2.89 0.67
CA GLY A 158 50.67 -3.77 1.08
C GLY A 158 49.67 -4.01 -0.05
N ASP A 159 48.96 -5.11 0.05
CA ASP A 159 48.01 -5.53 -0.98
C ASP A 159 46.60 -5.12 -0.58
N VAL A 160 46.12 -4.02 -1.16
CA VAL A 160 44.73 -3.58 -0.95
C VAL A 160 43.89 -3.79 -2.21
N SER A 161 44.37 -4.65 -3.11
CA SER A 161 43.70 -4.85 -4.41
C SER A 161 42.29 -5.40 -4.31
N GLU A 162 41.97 -6.11 -3.22
CA GLU A 162 40.61 -6.64 -3.03
C GLU A 162 39.60 -5.58 -2.58
N LEU A 163 40.12 -4.39 -2.27
CA LEU A 163 39.33 -3.30 -1.69
C LEU A 163 39.12 -2.13 -2.66
N LEU A 164 39.73 -2.24 -3.83
CA LEU A 164 39.69 -1.17 -4.85
C LEU A 164 39.28 -1.77 -6.18
N PRO A 165 38.60 -0.96 -7.01
CA PRO A 165 38.29 -1.43 -8.36
C PRO A 165 39.54 -1.67 -9.17
N GLU A 166 39.49 -2.59 -10.14
CA GLU A 166 40.66 -2.84 -10.99
C GLU A 166 41.22 -1.61 -11.72
N PRO A 167 40.36 -0.69 -12.20
CA PRO A 167 40.92 0.55 -12.79
C PRO A 167 41.80 1.36 -11.84
N VAL A 168 41.51 1.29 -10.54
CA VAL A 168 42.34 1.94 -9.54
C VAL A 168 43.62 1.13 -9.27
N ASN A 169 43.47 -0.18 -9.14
CA ASN A 169 44.62 -1.07 -8.92
C ASN A 169 45.66 -0.87 -10.03
N ARG A 170 45.18 -0.77 -11.27
CA ARG A 170 46.06 -0.57 -12.43
C ARG A 170 46.90 0.70 -12.28
N ARG A 171 46.25 1.79 -11.88
CA ARG A 171 46.96 3.06 -11.73
C ARG A 171 47.89 3.11 -10.52
N LEU A 172 47.54 2.38 -9.46
CA LEU A 172 48.45 2.27 -8.30
C LEU A 172 49.70 1.47 -8.63
N ARG A 173 49.54 0.41 -9.42
CA ARG A 173 50.66 -0.41 -9.86
C ARG A 173 51.66 0.38 -10.70
N ASP A 174 51.13 1.29 -11.53
CA ASP A 174 51.94 2.16 -12.37
C ASP A 174 52.56 3.29 -11.55
N ARG A 175 51.92 3.64 -10.44
CA ARG A 175 52.42 4.68 -9.54
C ARG A 175 53.70 4.20 -8.84
N LEU A 176 53.77 2.91 -8.58
CA LEU A 176 55.01 2.27 -8.13
C LEU A 176 56.02 2.21 -9.29
N ASN A 177 55.51 1.91 -10.49
CA ASN A 177 56.32 1.79 -11.72
C ASN A 177 57.45 0.76 -11.60
N HIS B 20 10.67 2.44 -13.44
CA HIS B 20 11.27 3.70 -13.02
C HIS B 20 10.64 4.20 -11.72
N MET B 21 9.74 3.41 -11.15
CA MET B 21 9.07 3.76 -9.91
C MET B 21 9.94 3.45 -8.70
N THR B 22 10.16 4.44 -7.85
CA THR B 22 10.98 4.27 -6.66
C THR B 22 10.11 4.31 -5.42
N GLY B 23 10.65 3.84 -4.30
CA GLY B 23 9.86 3.70 -3.10
C GLY B 23 10.68 3.47 -1.85
N ALA B 24 10.21 4.04 -0.75
CA ALA B 24 10.82 3.76 0.54
C ALA B 24 9.78 3.52 1.60
N VAL B 25 10.13 2.67 2.56
CA VAL B 25 9.32 2.41 3.73
C VAL B 25 9.94 3.14 4.94
N CYS B 26 9.09 3.82 5.72
CA CYS B 26 9.50 4.44 6.98
C CYS B 26 8.86 3.64 8.11
N PRO B 27 9.60 2.67 8.69
CA PRO B 27 9.04 1.79 9.71
C PRO B 27 9.24 2.34 11.12
N GLY B 28 8.37 1.92 12.01
CA GLY B 28 8.56 2.26 13.42
C GLY B 28 7.37 1.88 14.25
N SER B 29 7.46 2.15 15.55
CA SER B 29 6.35 1.88 16.45
C SER B 29 5.39 3.05 16.59
N PHE B 30 5.88 4.27 16.37
CA PHE B 30 5.07 5.51 16.33
C PHE B 30 4.01 5.60 17.43
N ASP B 31 4.49 5.60 18.68
CA ASP B 31 3.62 5.56 19.85
C ASP B 31 3.90 6.73 20.80
N PRO B 32 3.53 7.96 20.42
CA PRO B 32 2.89 8.36 19.17
C PRO B 32 3.89 8.91 18.16
N VAL B 33 3.42 9.08 16.92
CA VAL B 33 4.19 9.82 15.91
C VAL B 33 4.53 11.24 16.41
N THR B 34 5.76 11.66 16.16
CA THR B 34 6.22 12.99 16.54
C THR B 34 6.48 13.86 15.32
N LEU B 35 6.74 15.15 15.51
CA LEU B 35 7.16 15.99 14.39
C LEU B 35 8.55 15.64 13.86
N GLY B 36 9.36 14.97 14.68
CA GLY B 36 10.62 14.40 14.20
C GLY B 36 10.35 13.33 13.15
N HIS B 37 9.37 12.47 13.43
CA HIS B 37 8.98 11.44 12.46
C HIS B 37 8.40 12.07 11.21
N VAL B 38 7.51 13.05 11.38
CA VAL B 38 6.89 13.70 10.23
C VAL B 38 7.92 14.37 9.33
N ASP B 39 8.92 15.01 9.93
CA ASP B 39 10.01 15.61 9.17
C ASP B 39 10.66 14.59 8.24
N ILE B 40 10.91 13.39 8.76
CA ILE B 40 11.55 12.34 7.97
C ILE B 40 10.59 11.82 6.89
N PHE B 41 9.29 11.68 7.23
CA PHE B 41 8.30 11.29 6.21
C PHE B 41 8.34 12.29 5.05
N GLU B 42 8.43 13.58 5.38
CA GLU B 42 8.45 14.63 4.37
C GLU B 42 9.67 14.50 3.44
N ARG B 43 10.83 14.22 4.02
CA ARG B 43 12.05 14.05 3.21
C ARG B 43 11.93 12.84 2.31
N ALA B 44 11.46 11.72 2.86
CA ALA B 44 11.26 10.51 2.05
C ALA B 44 10.26 10.78 0.91
N ALA B 45 9.17 11.46 1.23
CA ALA B 45 8.14 11.74 0.21
C ALA B 45 8.66 12.67 -0.89
N ALA B 46 9.62 13.53 -0.55
CA ALA B 46 10.22 14.44 -1.54
C ALA B 46 11.19 13.72 -2.48
N GLN B 47 11.70 12.57 -2.07
CA GLN B 47 12.83 11.95 -2.75
C GLN B 47 12.52 10.60 -3.38
N PHE B 48 11.35 10.05 -3.07
CA PHE B 48 10.94 8.75 -3.61
C PHE B 48 9.55 8.90 -4.21
N ASP B 49 9.25 8.10 -5.23
CA ASP B 49 7.93 8.22 -5.87
C ASP B 49 6.78 7.87 -4.92
N GLU B 50 6.97 6.84 -4.10
CA GLU B 50 5.98 6.46 -3.10
C GLU B 50 6.66 6.19 -1.78
N VAL B 51 5.95 6.52 -0.70
CA VAL B 51 6.42 6.21 0.64
C VAL B 51 5.33 5.45 1.40
N VAL B 52 5.75 4.45 2.17
CA VAL B 52 4.83 3.72 3.04
C VAL B 52 5.33 3.88 4.47
N VAL B 53 4.48 4.42 5.34
CA VAL B 53 4.77 4.40 6.77
C VAL B 53 4.28 3.05 7.30
N ALA B 54 5.19 2.28 7.89
CA ALA B 54 4.88 0.94 8.38
C ALA B 54 4.90 0.97 9.89
N ILE B 55 3.74 0.65 10.46
CA ILE B 55 3.63 0.60 11.92
C ILE B 55 3.80 -0.86 12.33
N LEU B 56 4.86 -1.11 13.08
CA LEU B 56 5.16 -2.44 13.60
C LEU B 56 5.19 -2.39 15.13
N VAL B 57 4.45 -3.23 15.80
CA VAL B 57 4.37 -3.10 17.24
C VAL B 57 5.13 -4.19 17.93
N ASN B 58 5.82 -3.73 18.98
CA ASN B 58 6.60 -4.54 19.86
C ASN B 58 5.55 -5.23 20.69
N PRO B 59 5.43 -6.54 20.47
CA PRO B 59 4.45 -7.35 21.20
C PRO B 59 4.80 -7.47 22.68
N ALA B 60 5.99 -6.98 23.05
CA ALA B 60 6.45 -7.05 24.43
C ALA B 60 6.73 -5.66 24.99
N LYS B 61 5.99 -4.68 24.50
CA LYS B 61 6.16 -3.29 24.94
C LYS B 61 4.84 -2.70 25.43
N THR B 62 4.90 -1.93 26.51
CA THR B 62 3.71 -1.31 27.07
C THR B 62 3.36 -0.02 26.32
N GLY B 63 2.86 -0.18 25.10
CA GLY B 63 2.49 0.95 24.28
C GLY B 63 1.33 1.74 24.86
N MET B 64 1.41 3.07 24.75
CA MET B 64 0.37 3.95 25.26
CA MET B 64 0.33 4.04 25.28
C MET B 64 -0.88 3.89 24.38
N PHE B 65 -0.66 3.97 23.07
CA PHE B 65 -1.75 4.04 22.11
C PHE B 65 -1.92 2.71 21.39
N ASP B 66 -3.16 2.29 21.18
CA ASP B 66 -3.37 1.06 20.44
C ASP B 66 -3.03 1.27 18.96
N LEU B 67 -2.95 0.17 18.22
CA LEU B 67 -2.54 0.21 16.83
CA LEU B 67 -2.58 0.30 16.86
C LEU B 67 -3.44 1.08 15.97
N ASP B 68 -4.74 1.02 16.19
CA ASP B 68 -5.66 1.84 15.43
C ASP B 68 -5.51 3.33 15.70
N GLU B 69 -5.24 3.70 16.95
CA GLU B 69 -4.95 5.09 17.29
C GLU B 69 -3.64 5.56 16.62
N ARG B 70 -2.64 4.68 16.62
CA ARG B 70 -1.36 5.02 15.99
C ARG B 70 -1.49 5.25 14.50
N ILE B 71 -2.27 4.40 13.83
CA ILE B 71 -2.55 4.56 12.41
C ILE B 71 -3.25 5.89 12.15
N ALA B 72 -4.30 6.17 12.93
CA ALA B 72 -5.06 7.40 12.74
C ALA B 72 -4.17 8.64 12.93
N MET B 73 -3.32 8.61 13.96
CA MET B 73 -2.43 9.74 14.21
C MET B 73 -1.47 9.96 13.05
N VAL B 74 -0.90 8.88 12.52
CA VAL B 74 -0.02 9.02 11.36
C VAL B 74 -0.77 9.55 10.13
N LYS B 75 -1.92 8.94 9.82
CA LYS B 75 -2.72 9.40 8.67
C LYS B 75 -3.10 10.88 8.79
N GLU B 76 -3.59 11.26 9.96
CA GLU B 76 -4.07 12.61 10.18
C GLU B 76 -2.95 13.63 10.16
N SER B 77 -1.73 13.17 10.44
CA SER B 77 -0.57 14.04 10.46
C SER B 77 0.17 14.13 9.13
N THR B 78 -0.29 13.38 8.12
CA THR B 78 0.41 13.33 6.83
C THR B 78 -0.48 13.63 5.62
N THR B 79 -1.59 14.33 5.85
CA THR B 79 -2.54 14.63 4.76
C THR B 79 -1.94 15.52 3.66
N HIS B 80 -0.84 16.20 3.98
CA HIS B 80 -0.15 17.06 3.04
C HIS B 80 0.85 16.32 2.13
N LEU B 81 0.95 15.00 2.30
CA LEU B 81 1.90 14.20 1.54
C LEU B 81 1.14 13.19 0.67
N PRO B 82 0.91 13.55 -0.60
CA PRO B 82 -0.02 12.78 -1.41
C PRO B 82 0.48 11.40 -1.83
N ASN B 83 1.80 11.19 -1.77
CA ASN B 83 2.41 9.93 -2.17
C ASN B 83 2.82 9.07 -0.99
N LEU B 84 2.19 9.31 0.15
CA LEU B 84 2.43 8.54 1.37
C LEU B 84 1.19 7.77 1.79
N ARG B 85 1.38 6.50 2.15
CA ARG B 85 0.31 5.68 2.67
CA ARG B 85 0.26 5.76 2.69
C ARG B 85 0.77 5.03 3.97
N VAL B 86 -0.17 4.56 4.77
CA VAL B 86 0.10 4.02 6.10
C VAL B 86 -0.42 2.57 6.18
N GLN B 87 0.44 1.67 6.63
CA GLN B 87 0.10 0.25 6.72
CA GLN B 87 0.05 0.33 6.74
C GLN B 87 0.71 -0.38 7.97
N VAL B 88 0.16 -1.52 8.36
CA VAL B 88 0.63 -2.28 9.51
C VAL B 88 1.48 -3.46 9.05
N GLY B 89 2.57 -3.71 9.78
CA GLY B 89 3.39 -4.90 9.55
C GLY B 89 3.37 -5.80 10.78
N HIS B 90 3.42 -7.12 10.56
CA HIS B 90 3.29 -8.08 11.67
C HIS B 90 4.50 -8.99 11.94
N GLY B 91 5.51 -8.89 11.10
CA GLY B 91 6.69 -9.75 11.24
C GLY B 91 7.97 -8.97 11.02
N LEU B 92 8.87 -9.52 10.22
CA LEU B 92 10.11 -8.83 9.87
C LEU B 92 9.83 -7.58 9.06
N VAL B 93 10.52 -6.48 9.42
CA VAL B 93 10.41 -5.27 8.60
C VAL B 93 10.80 -5.54 7.14
N VAL B 94 11.79 -6.40 6.91
CA VAL B 94 12.19 -6.67 5.53
C VAL B 94 11.08 -7.36 4.74
N ASP B 95 10.30 -8.20 5.42
CA ASP B 95 9.18 -8.90 4.77
C ASP B 95 8.10 -7.87 4.42
N PHE B 96 7.88 -6.91 5.32
CA PHE B 96 6.93 -5.83 5.01
C PHE B 96 7.39 -5.03 3.80
N VAL B 97 8.67 -4.64 3.80
CA VAL B 97 9.22 -3.82 2.72
C VAL B 97 9.03 -4.53 1.37
N ARG B 98 9.40 -5.80 1.33
CA ARG B 98 9.26 -6.56 0.09
C ARG B 98 7.81 -6.76 -0.34
N SER B 99 6.89 -6.84 0.63
CA SER B 99 5.45 -7.01 0.34
C SER B 99 4.90 -5.76 -0.34
N CYS B 100 5.57 -4.62 -0.14
CA CYS B 100 5.17 -3.36 -0.79
C CYS B 100 5.77 -3.20 -2.17
N GLY B 101 6.58 -4.17 -2.59
CA GLY B 101 7.32 -4.10 -3.83
C GLY B 101 8.50 -3.14 -3.75
N MET B 102 9.05 -2.96 -2.55
CA MET B 102 10.13 -2.01 -2.35
C MET B 102 11.37 -2.72 -1.79
N THR B 103 12.49 -2.00 -1.73
CA THR B 103 13.74 -2.57 -1.24
C THR B 103 14.53 -1.55 -0.40
N ALA B 104 13.86 -0.49 0.07
CA ALA B 104 14.51 0.57 0.83
C ALA B 104 13.73 0.99 2.06
N ILE B 105 14.48 1.29 3.12
CA ILE B 105 13.97 1.79 4.38
C ILE B 105 14.60 3.15 4.60
N VAL B 106 13.82 4.10 5.10
CA VAL B 106 14.36 5.40 5.52
C VAL B 106 14.10 5.54 7.01
N LYS B 107 15.18 5.82 7.76
CA LYS B 107 15.15 5.98 9.22
C LYS B 107 15.69 7.36 9.61
N GLY B 108 15.05 8.00 10.58
CA GLY B 108 15.53 9.28 11.09
C GLY B 108 16.57 9.16 12.20
N LEU B 109 17.43 10.15 12.26
CA LEU B 109 18.43 10.31 13.34
C LEU B 109 18.07 11.54 14.14
N ARG B 110 18.20 11.43 15.45
CA ARG B 110 17.95 12.57 16.33
C ARG B 110 18.95 12.51 17.49
N THR B 111 18.91 13.53 18.34
CA THR B 111 19.68 13.49 19.58
C THR B 111 19.11 12.38 20.45
N GLY B 112 19.98 11.43 20.83
CA GLY B 112 19.55 10.28 21.61
C GLY B 112 19.33 9.01 20.80
N THR B 113 19.40 9.08 19.47
CA THR B 113 19.30 7.84 18.69
C THR B 113 20.39 6.85 19.08
N ASP B 114 20.00 5.59 19.25
CA ASP B 114 20.97 4.50 19.42
C ASP B 114 21.49 4.16 18.04
N PHE B 115 22.48 4.92 17.57
CA PHE B 115 22.89 4.77 16.18
C PHE B 115 23.60 3.45 15.92
N GLU B 116 24.33 2.95 16.92
CA GLU B 116 25.02 1.68 16.71
CA GLU B 116 24.98 1.77 16.73
C GLU B 116 24.03 0.53 16.54
N TYR B 117 22.92 0.57 17.28
CA TYR B 117 21.89 -0.43 17.07
C TYR B 117 21.21 -0.25 15.71
N GLU B 118 20.97 0.99 15.31
CA GLU B 118 20.40 1.24 13.98
C GLU B 118 21.31 0.68 12.90
N LEU B 119 22.62 0.90 13.04
CA LEU B 119 23.58 0.34 12.09
C LEU B 119 23.53 -1.18 12.10
N GLN B 120 23.44 -1.79 13.29
CA GLN B 120 23.36 -3.25 13.37
C GLN B 120 22.13 -3.79 12.63
N MET B 121 20.97 -3.17 12.87
CA MET B 121 19.75 -3.57 12.18
C MET B 121 19.86 -3.38 10.67
N ALA B 122 20.47 -2.26 10.26
CA ALA B 122 20.62 -2.00 8.83
C ALA B 122 21.44 -3.11 8.17
N GLN B 123 22.54 -3.48 8.82
CA GLN B 123 23.38 -4.53 8.24
C GLN B 123 22.67 -5.88 8.24
N MET B 124 21.94 -6.17 9.31
CA MET B 124 21.16 -7.40 9.40
C MET B 124 20.07 -7.44 8.31
N ASN B 125 19.35 -6.32 8.17
CA ASN B 125 18.30 -6.23 7.15
C ASN B 125 18.82 -6.39 5.73
N LYS B 126 20.02 -5.86 5.48
CA LYS B 126 20.65 -6.03 4.17
C LYS B 126 21.06 -7.49 3.96
N HIS B 127 21.60 -8.10 5.01
CA HIS B 127 22.02 -9.49 4.92
C HIS B 127 20.88 -10.44 4.62
N ILE B 128 19.77 -10.28 5.33
CA ILE B 128 18.71 -11.29 5.24
C ILE B 128 17.78 -11.09 4.03
N ALA B 129 17.72 -9.87 3.50
CA ALA B 129 16.73 -9.59 2.43
C ALA B 129 17.20 -8.64 1.32
N GLY B 130 18.43 -8.15 1.42
CA GLY B 130 18.96 -7.23 0.39
C GLY B 130 18.39 -5.81 0.47
N VAL B 131 17.69 -5.49 1.56
CA VAL B 131 17.03 -4.21 1.74
C VAL B 131 18.05 -3.17 2.21
N ASP B 132 18.05 -2.01 1.57
CA ASP B 132 18.96 -0.90 1.90
C ASP B 132 18.31 0.00 2.93
N THR B 133 19.10 0.56 3.83
CA THR B 133 18.58 1.55 4.80
C THR B 133 19.31 2.87 4.61
N PHE B 134 18.52 3.95 4.48
CA PHE B 134 19.04 5.30 4.37
C PHE B 134 18.69 6.06 5.63
N PHE B 135 19.69 6.69 6.24
CA PHE B 135 19.50 7.47 7.46
C PHE B 135 19.51 8.96 7.13
N VAL B 136 18.61 9.71 7.76
CA VAL B 136 18.52 11.15 7.55
C VAL B 136 18.41 11.85 8.89
N ALA B 137 19.20 12.92 9.07
CA ALA B 137 19.18 13.72 10.31
C ALA B 137 17.90 14.55 10.36
N THR B 138 17.16 14.43 11.45
CA THR B 138 15.97 15.26 11.68
C THR B 138 16.36 16.74 11.78
N ALA B 139 15.43 17.62 11.40
CA ALA B 139 15.60 19.08 11.54
C ALA B 139 15.96 19.41 12.98
N PRO B 140 16.87 20.37 13.18
CA PRO B 140 17.28 20.65 14.57
C PRO B 140 16.14 20.94 15.55
N ARG B 141 15.11 21.68 15.13
CA ARG B 141 14.01 21.99 16.05
C ARG B 141 13.27 20.75 16.52
N TYR B 142 13.34 19.67 15.74
CA TYR B 142 12.65 18.43 16.08
C TYR B 142 13.63 17.32 16.49
N SER B 143 14.86 17.71 16.79
CA SER B 143 15.94 16.75 17.01
C SER B 143 16.01 16.19 18.43
N PHE B 144 15.20 16.71 19.35
CA PHE B 144 15.25 16.22 20.73
C PHE B 144 13.92 15.65 21.22
N VAL B 145 12.93 15.61 20.35
CA VAL B 145 11.71 14.87 20.69
C VAL B 145 11.88 13.37 20.35
N SER B 146 11.34 12.52 21.21
CA SER B 146 11.14 11.12 20.89
C SER B 146 9.78 10.74 21.44
N SER B 147 9.20 9.65 20.93
CA SER B 147 7.92 9.20 21.46
C SER B 147 7.98 9.00 22.98
N SER B 148 8.99 8.29 23.45
CA SER B 148 9.11 8.00 24.87
CA SER B 148 9.07 8.08 24.90
C SER B 148 9.26 9.26 25.73
N LEU B 149 10.13 10.17 25.32
CA LEU B 149 10.36 11.36 26.15
C LEU B 149 9.16 12.30 26.10
N ALA B 150 8.50 12.37 24.94
CA ALA B 150 7.28 13.19 24.81
C ALA B 150 6.20 12.69 25.76
N LYS B 151 6.00 11.38 25.82
CA LYS B 151 5.02 10.78 26.72
C LYS B 151 5.37 11.07 28.17
N GLU B 152 6.65 10.90 28.51
CA GLU B 152 7.09 11.12 29.89
C GLU B 152 6.82 12.55 30.33
N VAL B 153 7.23 13.51 29.50
CA VAL B 153 7.06 14.92 29.82
C VAL B 153 5.58 15.28 29.89
N ALA B 154 4.80 14.82 28.91
CA ALA B 154 3.36 15.14 28.88
C ALA B 154 2.62 14.61 30.10
N MET B 155 2.94 13.39 30.52
CA MET B 155 2.29 12.75 31.67
CA MET B 155 2.25 12.83 31.70
C MET B 155 2.59 13.46 32.98
N LEU B 156 3.70 14.20 33.01
CA LEU B 156 4.08 14.98 34.19
C LEU B 156 3.66 16.43 34.10
N GLY B 157 2.87 16.75 33.07
CA GLY B 157 2.29 18.08 32.90
C GLY B 157 3.08 19.07 32.07
N GLY B 158 4.16 18.61 31.44
CA GLY B 158 4.96 19.48 30.58
C GLY B 158 4.33 19.68 29.21
N ASP B 159 4.68 20.80 28.57
CA ASP B 159 4.12 21.17 27.28
C ASP B 159 5.05 20.78 26.13
N VAL B 160 4.72 19.66 25.48
CA VAL B 160 5.48 19.23 24.30
C VAL B 160 4.67 19.45 23.02
N SER B 161 3.63 20.28 23.09
CA SER B 161 2.75 20.47 21.94
C SER B 161 3.44 21.01 20.69
N GLU B 162 4.56 21.72 20.83
CA GLU B 162 5.27 22.25 19.67
C GLU B 162 6.10 21.19 18.96
N LEU B 163 6.17 19.99 19.55
CA LEU B 163 7.05 18.92 19.05
C LEU B 163 6.25 17.74 18.48
N LEU B 164 4.92 17.83 18.56
CA LEU B 164 4.00 16.78 18.12
C LEU B 164 2.96 17.37 17.19
N PRO B 165 2.48 16.59 16.22
CA PRO B 165 1.39 17.06 15.36
C PRO B 165 0.12 17.29 16.18
N GLU B 166 -0.73 18.19 15.71
CA GLU B 166 -1.97 18.47 16.43
C GLU B 166 -2.88 17.25 16.62
N PRO B 167 -3.00 16.34 15.63
CA PRO B 167 -3.75 15.10 15.87
C PRO B 167 -3.25 14.30 17.08
N VAL B 168 -1.94 14.39 17.36
CA VAL B 168 -1.38 13.73 18.53
C VAL B 168 -1.66 14.53 19.80
N ASN B 169 -1.49 15.85 19.73
CA ASN B 169 -1.76 16.71 20.88
C ASN B 169 -3.18 16.54 21.38
N ARG B 170 -4.11 16.44 20.44
CA ARG B 170 -5.54 16.24 20.76
C ARG B 170 -5.74 14.99 21.61
N ARG B 171 -5.17 13.88 21.17
CA ARG B 171 -5.35 12.61 21.86
C ARG B 171 -4.60 12.56 23.18
N LEU B 172 -3.45 13.21 23.22
CA LEU B 172 -2.67 13.27 24.43
C LEU B 172 -3.41 14.06 25.51
N ARG B 173 -4.03 15.17 25.11
CA ARG B 173 -4.87 15.97 26.01
C ARG B 173 -6.07 15.20 26.55
N ASP B 174 -6.63 14.32 25.73
CA ASP B 174 -7.76 13.49 26.15
C ASP B 174 -7.34 12.36 27.09
N ARG B 175 -6.06 11.99 27.06
CA ARG B 175 -5.54 10.99 27.99
C ARG B 175 -5.35 11.53 29.41
N LEU B 176 -5.17 12.84 29.55
CA LEU B 176 -5.09 13.47 30.88
C LEU B 176 -6.45 13.98 31.39
N ASN B 177 -7.32 14.37 30.46
CA ASN B 177 -8.70 14.84 30.74
C ASN B 177 -9.18 14.72 32.19
N PRO C 16 -17.75 1.68 17.64
CA PRO C 16 -17.21 0.32 17.65
C PRO C 16 -16.36 0.07 16.41
N ARG C 17 -15.24 -0.63 16.59
CA ARG C 17 -14.28 -0.84 15.49
C ARG C 17 -14.46 -2.18 14.77
N GLY C 18 -15.15 -3.14 15.41
CA GLY C 18 -15.15 -4.52 14.94
C GLY C 18 -13.89 -5.24 15.37
N SER C 19 -13.48 -6.27 14.63
CA SER C 19 -12.39 -7.15 15.03
C SER C 19 -11.17 -7.19 14.09
N HIS C 20 -11.34 -6.87 12.80
CA HIS C 20 -10.17 -6.79 11.91
C HIS C 20 -10.24 -5.65 10.92
N MET C 21 -9.08 -5.20 10.46
CA MET C 21 -9.03 -4.06 9.54
C MET C 21 -9.23 -4.60 8.13
N THR C 22 -10.18 -4.01 7.42
CA THR C 22 -10.50 -4.47 6.08
C THR C 22 -10.22 -3.36 5.07
N GLY C 23 -10.00 -3.74 3.81
CA GLY C 23 -9.67 -2.75 2.80
C GLY C 23 -10.08 -3.20 1.42
N ALA C 24 -10.46 -2.24 0.58
CA ALA C 24 -10.80 -2.54 -0.81
C ALA C 24 -10.15 -1.54 -1.74
N VAL C 25 -9.77 -2.03 -2.91
CA VAL C 25 -9.28 -1.18 -3.99
C VAL C 25 -10.41 -1.00 -5.01
N CYS C 26 -10.61 0.24 -5.44
CA CYS C 26 -11.53 0.58 -6.53
C CYS C 26 -10.70 1.01 -7.74
N PRO C 27 -10.40 0.07 -8.66
CA PRO C 27 -9.53 0.38 -9.78
C PRO C 27 -10.31 0.87 -10.99
N GLY C 28 -9.65 1.66 -11.83
CA GLY C 28 -10.27 2.11 -13.06
C GLY C 28 -9.42 3.11 -13.80
N SER C 29 -9.88 3.47 -15.00
CA SER C 29 -9.23 4.52 -15.78
C SER C 29 -9.72 5.92 -15.43
N PHE C 30 -10.99 6.05 -14.99
CA PHE C 30 -11.57 7.32 -14.51
C PHE C 30 -11.25 8.53 -15.39
N ASP C 31 -11.71 8.45 -16.64
CA ASP C 31 -11.39 9.46 -17.65
C ASP C 31 -12.66 10.05 -18.29
N PRO C 32 -13.43 10.86 -17.53
CA PRO C 32 -13.25 11.26 -16.14
C PRO C 32 -14.09 10.43 -15.18
N VAL C 33 -13.81 10.58 -13.89
CA VAL C 33 -14.67 10.04 -12.84
C VAL C 33 -16.11 10.54 -13.00
N THR C 34 -17.08 9.65 -12.81
CA THR C 34 -18.48 10.01 -12.88
C THR C 34 -19.15 9.88 -11.53
N LEU C 35 -20.41 10.32 -11.42
CA LEU C 35 -21.17 10.08 -10.19
C LEU C 35 -21.53 8.60 -9.98
N GLY C 36 -21.50 7.83 -11.06
CA GLY C 36 -21.58 6.36 -10.96
C GLY C 36 -20.38 5.82 -10.20
N HIS C 37 -19.20 6.31 -10.53
CA HIS C 37 -18.01 5.90 -9.79
C HIS C 37 -18.05 6.37 -8.35
N VAL C 38 -18.44 7.62 -8.13
CA VAL C 38 -18.47 8.17 -6.77
C VAL C 38 -19.47 7.39 -5.90
N ASP C 39 -20.60 7.00 -6.48
CA ASP C 39 -21.57 6.20 -5.74
C ASP C 39 -20.90 4.94 -5.20
N ILE C 40 -20.11 4.28 -6.05
CA ILE C 40 -19.44 3.04 -5.64
C ILE C 40 -18.34 3.32 -4.62
N PHE C 41 -17.60 4.41 -4.79
CA PHE C 41 -16.59 4.80 -3.79
C PHE C 41 -17.26 4.94 -2.43
N GLU C 42 -18.44 5.57 -2.41
CA GLU C 42 -19.17 5.79 -1.16
C GLU C 42 -19.58 4.48 -0.49
N ARG C 43 -20.05 3.51 -1.29
CA ARG C 43 -20.43 2.19 -0.77
C ARG C 43 -19.20 1.50 -0.20
N ALA C 44 -18.10 1.53 -0.94
CA ALA C 44 -16.86 0.89 -0.49
C ALA C 44 -16.40 1.52 0.83
N ALA C 45 -16.49 2.85 0.92
CA ALA C 45 -16.04 3.55 2.12
C ALA C 45 -16.90 3.23 3.33
N ALA C 46 -18.18 2.93 3.10
CA ALA C 46 -19.08 2.52 4.19
C ALA C 46 -18.88 1.07 4.61
N GLN C 47 -18.32 0.25 3.73
CA GLN C 47 -18.33 -1.19 3.94
C GLN C 47 -16.96 -1.78 4.20
N PHE C 48 -15.93 -0.92 4.18
CA PHE C 48 -14.54 -1.34 4.43
C PHE C 48 -13.87 -0.29 5.30
N ASP C 49 -12.88 -0.70 6.09
CA ASP C 49 -12.16 0.28 6.92
C ASP C 49 -11.41 1.31 6.06
N GLU C 50 -10.82 0.84 4.96
CA GLU C 50 -10.02 1.69 4.08
C GLU C 50 -10.36 1.41 2.63
N VAL C 51 -10.37 2.45 1.82
CA VAL C 51 -10.57 2.31 0.37
C VAL C 51 -9.43 3.02 -0.34
N VAL C 52 -8.93 2.40 -1.40
CA VAL C 52 -7.94 3.04 -2.26
C VAL C 52 -8.47 3.04 -3.69
N VAL C 53 -8.60 4.23 -4.27
CA VAL C 53 -8.95 4.36 -5.68
C VAL C 53 -7.63 4.26 -6.45
N ALA C 54 -7.53 3.25 -7.30
CA ALA C 54 -6.33 3.03 -8.11
C ALA C 54 -6.61 3.49 -9.53
N ILE C 55 -5.85 4.47 -9.99
CA ILE C 55 -6.00 4.97 -11.35
C ILE C 55 -4.97 4.27 -12.22
N LEU C 56 -5.45 3.41 -13.10
CA LEU C 56 -4.59 2.66 -14.00
C LEU C 56 -4.89 3.17 -15.40
N VAL C 57 -3.98 3.96 -15.96
CA VAL C 57 -4.15 4.53 -17.29
C VAL C 57 -3.68 3.54 -18.38
N ASN C 58 -4.53 3.31 -19.38
CA ASN C 58 -4.17 2.40 -20.46
C ASN C 58 -3.16 3.01 -21.42
N PRO C 59 -1.98 2.40 -21.49
CA PRO C 59 -0.91 2.92 -22.36
C PRO C 59 -1.13 2.54 -23.82
N ALA C 60 -2.40 2.38 -24.21
CA ALA C 60 -2.74 2.01 -25.58
C ALA C 60 -3.89 2.85 -26.11
N LYS C 61 -4.33 3.82 -25.31
CA LYS C 61 -5.42 4.70 -25.69
C LYS C 61 -5.27 6.09 -25.07
N THR C 62 -5.08 7.09 -25.92
CA THR C 62 -4.92 8.46 -25.44
C THR C 62 -6.23 9.01 -24.92
N GLY C 63 -6.39 8.98 -23.60
CA GLY C 63 -7.59 9.48 -22.95
C GLY C 63 -7.76 10.98 -23.09
N MET C 64 -8.90 11.49 -22.66
CA MET C 64 -9.19 12.91 -22.73
CA MET C 64 -9.23 13.00 -22.71
C MET C 64 -8.34 13.68 -21.73
N PHE C 65 -8.30 13.17 -20.50
CA PHE C 65 -7.61 13.84 -19.40
C PHE C 65 -6.31 13.13 -19.08
N ASP C 66 -5.28 13.91 -18.79
CA ASP C 66 -4.01 13.29 -18.39
C ASP C 66 -4.11 12.78 -16.96
N LEU C 67 -3.13 11.95 -16.59
CA LEU C 67 -3.11 11.33 -15.27
C LEU C 67 -3.30 12.33 -14.13
N ASP C 68 -2.56 13.45 -14.16
CA ASP C 68 -2.66 14.43 -13.07
C ASP C 68 -4.06 15.02 -12.90
N GLU C 69 -4.74 15.26 -14.03
CA GLU C 69 -6.11 15.76 -14.02
CA GLU C 69 -6.15 15.85 -14.00
C GLU C 69 -7.06 14.68 -13.49
N ARG C 70 -6.84 13.43 -13.92
CA ARG C 70 -7.70 12.33 -13.43
C ARG C 70 -7.60 12.19 -11.92
N ILE C 71 -6.38 12.25 -11.39
CA ILE C 71 -6.16 12.22 -9.94
C ILE C 71 -6.88 13.34 -9.21
N ALA C 72 -6.68 14.57 -9.69
CA ALA C 72 -7.28 15.75 -9.08
C ALA C 72 -8.81 15.65 -9.08
N MET C 73 -9.38 15.19 -10.19
CA MET C 73 -10.84 15.04 -10.27
C MET C 73 -11.37 14.04 -9.26
N VAL C 74 -10.69 12.91 -9.11
CA VAL C 74 -11.10 11.94 -8.09
C VAL C 74 -10.98 12.52 -6.67
N LYS C 75 -9.83 13.14 -6.37
CA LYS C 75 -9.62 13.67 -5.04
C LYS C 75 -10.63 14.76 -4.70
N GLU C 76 -10.84 15.68 -5.63
CA GLU C 76 -11.76 16.79 -5.41
C GLU C 76 -13.20 16.32 -5.26
N SER C 77 -13.49 15.14 -5.83
CA SER C 77 -14.84 14.59 -5.79
C SER C 77 -15.07 13.65 -4.60
N THR C 78 -14.05 13.44 -3.78
CA THR C 78 -14.15 12.48 -2.66
C THR C 78 -13.71 13.06 -1.31
N THR C 79 -13.77 14.38 -1.19
CA THR C 79 -13.38 15.04 0.08
C THR C 79 -14.28 14.65 1.28
N HIS C 80 -15.47 14.14 0.98
CA HIS C 80 -16.41 13.70 2.01
C HIS C 80 -16.16 12.27 2.51
N LEU C 81 -15.12 11.61 1.99
CA LEU C 81 -14.80 10.23 2.35
C LEU C 81 -13.40 10.14 2.96
N PRO C 82 -13.30 10.32 4.28
CA PRO C 82 -12.00 10.46 4.91
C PRO C 82 -11.16 9.19 4.93
N ASN C 83 -11.81 8.03 4.74
CA ASN C 83 -11.10 6.74 4.72
C ASN C 83 -10.78 6.27 3.30
N LEU C 84 -10.85 7.20 2.35
CA LEU C 84 -10.49 6.94 0.97
C LEU C 84 -9.24 7.71 0.57
N ARG C 85 -8.33 7.04 -0.12
CA ARG C 85 -7.21 7.72 -0.76
C ARG C 85 -7.06 7.32 -2.22
N VAL C 86 -6.30 8.12 -2.96
CA VAL C 86 -6.15 7.95 -4.40
C VAL C 86 -4.68 7.74 -4.78
N GLN C 87 -4.43 6.77 -5.65
CA GLN C 87 -3.06 6.43 -6.04
C GLN C 87 -3.03 5.94 -7.48
N VAL C 88 -1.94 6.24 -8.18
CA VAL C 88 -1.70 5.70 -9.52
C VAL C 88 -1.18 4.26 -9.43
N GLY C 89 -1.68 3.41 -10.32
CA GLY C 89 -1.19 2.03 -10.46
C GLY C 89 -0.52 1.88 -11.81
N HIS C 90 0.56 1.10 -11.87
CA HIS C 90 1.37 1.02 -13.09
C HIS C 90 1.43 -0.30 -13.86
N GLY C 91 0.99 -1.37 -13.21
CA GLY C 91 1.04 -2.71 -13.81
C GLY C 91 -0.26 -3.46 -13.62
N LEU C 92 -0.15 -4.69 -13.11
CA LEU C 92 -1.32 -5.50 -12.81
C LEU C 92 -2.11 -4.93 -11.65
N VAL C 93 -3.43 -4.88 -11.79
CA VAL C 93 -4.26 -4.43 -10.67
C VAL C 93 -4.00 -5.28 -9.42
N VAL C 94 -3.79 -6.59 -9.58
CA VAL C 94 -3.58 -7.44 -8.40
C VAL C 94 -2.27 -7.10 -7.67
N ASP C 95 -1.26 -6.67 -8.41
CA ASP C 95 0.00 -6.26 -7.80
C ASP C 95 -0.21 -4.99 -6.99
N PHE C 96 -1.03 -4.07 -7.52
CA PHE C 96 -1.37 -2.85 -6.79
C PHE C 96 -2.07 -3.24 -5.50
N VAL C 97 -3.07 -4.10 -5.58
CA VAL C 97 -3.85 -4.50 -4.43
C VAL C 97 -2.98 -5.12 -3.33
N ARG C 98 -2.16 -6.06 -3.73
CA ARG C 98 -1.32 -6.79 -2.77
C ARG C 98 -0.27 -5.85 -2.14
N SER C 99 0.25 -4.90 -2.90
CA SER C 99 1.32 -4.05 -2.44
CA SER C 99 1.27 -3.96 -2.42
C SER C 99 0.74 -3.00 -1.48
N CYS C 100 -0.55 -2.72 -1.47
CA CYS C 100 -1.25 -2.01 -0.43
CA CYS C 100 -1.25 -1.95 -0.39
C CYS C 100 -1.74 -2.89 0.73
N GLY C 101 -1.43 -4.19 0.74
CA GLY C 101 -1.73 -5.04 1.88
C GLY C 101 -3.19 -5.47 1.91
N MET C 102 -3.84 -5.41 0.76
CA MET C 102 -5.24 -5.80 0.64
C MET C 102 -5.40 -7.01 -0.26
N THR C 103 -6.62 -7.54 -0.33
CA THR C 103 -6.91 -8.69 -1.15
C THR C 103 -8.30 -8.60 -1.80
N ALA C 104 -8.85 -7.39 -1.86
CA ALA C 104 -10.20 -7.18 -2.42
C ALA C 104 -10.26 -5.99 -3.36
N ILE C 105 -11.03 -6.19 -4.43
CA ILE C 105 -11.36 -5.18 -5.41
C ILE C 105 -12.87 -4.99 -5.37
N VAL C 106 -13.31 -3.74 -5.46
CA VAL C 106 -14.74 -3.42 -5.60
C VAL C 106 -14.97 -2.77 -6.96
N LYS C 107 -15.92 -3.32 -7.72
CA LYS C 107 -16.24 -2.84 -9.07
C LYS C 107 -17.72 -2.52 -9.17
N GLY C 108 -18.05 -1.40 -9.79
CA GLY C 108 -19.45 -1.01 -9.97
C GLY C 108 -20.08 -1.61 -11.22
N LEU C 109 -21.38 -1.85 -11.16
CA LEU C 109 -22.18 -2.32 -12.31
C LEU C 109 -23.17 -1.24 -12.70
N ARG C 110 -23.36 -1.05 -14.00
CA ARG C 110 -24.30 -0.06 -14.52
C ARG C 110 -24.94 -0.64 -15.76
N THR C 111 -25.91 0.09 -16.32
CA THR C 111 -26.47 -0.27 -17.61
C THR C 111 -25.37 -0.10 -18.64
N GLY C 112 -25.10 -1.18 -19.37
CA GLY C 112 -24.03 -1.19 -20.36
C GLY C 112 -22.70 -1.78 -19.91
N THR C 113 -22.59 -2.17 -18.63
CA THR C 113 -21.39 -2.87 -18.17
C THR C 113 -21.21 -4.15 -18.99
N ASP C 114 -19.99 -4.40 -19.44
CA ASP C 114 -19.63 -5.68 -20.05
C ASP C 114 -19.39 -6.65 -18.89
N PHE C 115 -20.47 -7.22 -18.37
CA PHE C 115 -20.36 -8.01 -17.14
C PHE C 115 -19.60 -9.30 -17.37
N GLU C 116 -19.73 -9.89 -18.55
CA GLU C 116 -19.02 -11.13 -18.82
CA GLU C 116 -19.06 -11.04 -18.79
C GLU C 116 -17.51 -10.89 -18.80
N TYR C 117 -17.06 -9.74 -19.29
CA TYR C 117 -15.64 -9.43 -19.24
C TYR C 117 -15.22 -9.12 -17.80
N GLU C 118 -16.06 -8.40 -17.07
CA GLU C 118 -15.78 -8.21 -15.63
C GLU C 118 -15.60 -9.54 -14.91
N LEU C 119 -16.48 -10.51 -15.21
CA LEU C 119 -16.39 -11.83 -14.57
C LEU C 119 -15.09 -12.52 -14.96
N GLN C 120 -14.72 -12.40 -16.24
CA GLN C 120 -13.48 -13.00 -16.73
C GLN C 120 -12.26 -12.44 -15.97
N MET C 121 -12.22 -11.12 -15.84
CA MET C 121 -11.13 -10.47 -15.10
C MET C 121 -11.14 -10.87 -13.64
N ALA C 122 -12.33 -10.95 -13.03
CA ALA C 122 -12.41 -11.33 -11.62
C ALA C 122 -11.82 -12.73 -11.43
N GLN C 123 -12.19 -13.65 -12.32
CA GLN C 123 -11.68 -15.02 -12.18
C GLN C 123 -10.17 -15.07 -12.43
N MET C 124 -9.71 -14.30 -13.41
CA MET C 124 -8.26 -14.23 -13.69
C MET C 124 -7.50 -13.65 -12.51
N ASN C 125 -8.04 -12.59 -11.92
CA ASN C 125 -7.40 -11.90 -10.79
C ASN C 125 -7.34 -12.78 -9.56
N LYS C 126 -8.39 -13.58 -9.35
CA LYS C 126 -8.39 -14.56 -8.26
C LYS C 126 -7.35 -15.65 -8.50
N HIS C 127 -7.26 -16.14 -9.74
CA HIS C 127 -6.29 -17.15 -10.12
C HIS C 127 -4.83 -16.72 -9.90
N ILE C 128 -4.50 -15.53 -10.37
CA ILE C 128 -3.08 -15.14 -10.39
C ILE C 128 -2.59 -14.62 -9.03
N ALA C 129 -3.49 -14.11 -8.20
CA ALA C 129 -3.06 -13.47 -6.93
C ALA C 129 -3.96 -13.69 -5.71
N GLY C 130 -5.02 -14.47 -5.86
CA GLY C 130 -5.95 -14.74 -4.75
C GLY C 130 -6.83 -13.58 -4.35
N VAL C 131 -6.91 -12.57 -5.22
CA VAL C 131 -7.64 -11.35 -4.92
C VAL C 131 -9.11 -11.53 -5.29
N ASP C 132 -9.99 -11.17 -4.37
CA ASP C 132 -11.44 -11.27 -4.55
C ASP C 132 -11.98 -10.02 -5.19
N THR C 133 -13.04 -10.17 -5.99
CA THR C 133 -13.73 -9.01 -6.55
C THR C 133 -15.18 -9.01 -6.10
N PHE C 134 -15.60 -7.87 -5.55
CA PHE C 134 -17.00 -7.67 -5.14
C PHE C 134 -17.65 -6.67 -6.09
N PHE C 135 -18.77 -7.08 -6.69
CA PHE C 135 -19.51 -6.21 -7.59
C PHE C 135 -20.70 -5.58 -6.89
N VAL C 136 -20.95 -4.31 -7.19
CA VAL C 136 -22.10 -3.63 -6.60
CA VAL C 136 -22.15 -3.54 -6.58
C VAL C 136 -22.78 -2.77 -7.65
N ALA C 137 -24.12 -2.84 -7.67
CA ALA C 137 -24.91 -2.08 -8.65
C ALA C 137 -24.97 -0.62 -8.27
N THR C 138 -24.67 0.25 -9.23
CA THR C 138 -24.80 1.70 -9.05
CA THR C 138 -24.84 1.79 -9.03
C THR C 138 -26.28 2.09 -8.82
N ALA C 139 -26.48 3.17 -8.09
CA ALA C 139 -27.80 3.74 -7.89
C ALA C 139 -28.47 3.98 -9.25
N PRO C 140 -29.78 3.70 -9.34
CA PRO C 140 -30.46 3.87 -10.64
C PRO C 140 -30.23 5.24 -11.30
N ARG C 141 -30.23 6.33 -10.54
CA ARG C 141 -30.04 7.65 -11.16
CA ARG C 141 -30.09 7.74 -11.14
C ARG C 141 -28.69 7.80 -11.86
N TYR C 142 -27.71 7.03 -11.41
CA TYR C 142 -26.36 7.08 -11.99
C TYR C 142 -26.01 5.85 -12.80
N SER C 143 -27.03 5.06 -13.14
CA SER C 143 -26.84 3.76 -13.78
C SER C 143 -26.63 3.81 -15.30
N PHE C 144 -26.76 4.99 -15.92
CA PHE C 144 -26.59 5.07 -17.38
C PHE C 144 -25.48 6.03 -17.79
N VAL C 145 -24.78 6.61 -16.81
CA VAL C 145 -23.58 7.38 -17.14
C VAL C 145 -22.38 6.44 -17.25
N SER C 146 -21.51 6.71 -18.21
CA SER C 146 -20.17 6.12 -18.25
C SER C 146 -19.22 7.23 -18.66
N SER C 147 -17.93 7.02 -18.42
CA SER C 147 -16.96 8.04 -18.83
C SER C 147 -17.06 8.31 -20.34
N SER C 148 -17.11 7.24 -21.13
CA SER C 148 -17.15 7.37 -22.59
CA SER C 148 -17.19 7.45 -22.57
C SER C 148 -18.39 8.08 -23.10
N LEU C 149 -19.56 7.68 -22.59
CA LEU C 149 -20.81 8.28 -23.07
C LEU C 149 -20.94 9.73 -22.59
N ALA C 150 -20.47 10.01 -21.38
CA ALA C 150 -20.52 11.39 -20.88
C ALA C 150 -19.65 12.29 -21.75
N LYS C 151 -18.46 11.82 -22.09
CA LYS C 151 -17.58 12.61 -22.98
C LYS C 151 -18.22 12.84 -24.33
N GLU C 152 -18.80 11.79 -24.91
CA GLU C 152 -19.45 11.89 -26.22
C GLU C 152 -20.57 12.93 -26.20
N VAL C 153 -21.45 12.84 -25.20
CA VAL C 153 -22.58 13.75 -25.11
C VAL C 153 -22.12 15.17 -24.86
N ALA C 154 -21.18 15.34 -23.93
CA ALA C 154 -20.71 16.68 -23.58
C ALA C 154 -20.05 17.38 -24.76
N MET C 155 -19.25 16.65 -25.51
CA MET C 155 -18.53 17.22 -26.64
CA MET C 155 -18.58 17.31 -26.62
C MET C 155 -19.46 17.62 -27.78
N LEU C 156 -20.67 17.04 -27.79
CA LEU C 156 -21.70 17.42 -28.76
C LEU C 156 -22.68 18.46 -28.21
N GLY C 157 -22.35 19.01 -27.04
CA GLY C 157 -23.13 20.10 -26.45
C GLY C 157 -24.24 19.71 -25.52
N GLY C 158 -24.37 18.41 -25.25
CA GLY C 158 -25.40 17.93 -24.34
C GLY C 158 -25.04 18.17 -22.88
N ASP C 159 -26.06 18.21 -22.03
CA ASP C 159 -25.88 18.51 -20.61
C ASP C 159 -25.88 17.24 -19.77
N VAL C 160 -24.67 16.82 -19.37
CA VAL C 160 -24.53 15.66 -18.48
C VAL C 160 -24.08 16.08 -17.09
N SER C 161 -24.26 17.37 -16.78
CA SER C 161 -23.77 17.91 -15.51
C SER C 161 -24.37 17.27 -14.26
N GLU C 162 -25.58 16.69 -14.37
CA GLU C 162 -26.24 16.04 -13.23
C GLU C 162 -25.67 14.65 -12.96
N LEU C 163 -24.80 14.20 -13.86
CA LEU C 163 -24.26 12.84 -13.82
C LEU C 163 -22.78 12.78 -13.48
N LEU C 164 -22.17 13.96 -13.33
CA LEU C 164 -20.75 14.09 -13.04
C LEU C 164 -20.54 15.01 -11.84
N PRO C 165 -19.46 14.78 -11.08
CA PRO C 165 -19.17 15.69 -9.98
C PRO C 165 -18.79 17.07 -10.51
N GLU C 166 -19.03 18.09 -9.71
CA GLU C 166 -18.72 19.46 -10.13
C GLU C 166 -17.25 19.67 -10.54
N PRO C 167 -16.28 19.06 -9.81
CA PRO C 167 -14.89 19.15 -10.29
C PRO C 167 -14.68 18.68 -11.72
N VAL C 168 -15.47 17.71 -12.17
CA VAL C 168 -15.40 17.23 -13.54
C VAL C 168 -16.13 18.20 -14.48
N ASN C 169 -17.30 18.67 -14.07
CA ASN C 169 -18.07 19.62 -14.88
C ASN C 169 -17.24 20.85 -15.20
N ARG C 170 -16.51 21.34 -14.19
CA ARG C 170 -15.66 22.52 -14.33
C ARG C 170 -14.58 22.32 -15.40
N ARG C 171 -13.92 21.15 -15.40
CA ARG C 171 -12.88 20.87 -16.37
C ARG C 171 -13.41 20.55 -17.77
N LEU C 172 -14.62 20.00 -17.84
CA LEU C 172 -15.28 19.78 -19.13
C LEU C 172 -15.67 21.09 -19.79
N ARG C 173 -16.17 22.03 -18.99
CA ARG C 173 -16.52 23.35 -19.48
C ARG C 173 -15.30 24.13 -19.99
N ASP C 174 -14.15 23.91 -19.37
CA ASP C 174 -12.89 24.52 -19.80
C ASP C 174 -12.36 23.90 -21.10
N ARG C 175 -12.75 22.66 -21.39
CA ARG C 175 -12.42 22.02 -22.67
C ARG C 175 -13.28 22.58 -23.80
N LEU C 176 -14.37 23.24 -23.44
CA LEU C 176 -15.24 23.93 -24.38
C LEU C 176 -15.16 25.44 -24.17
N ASN C 177 -13.95 25.95 -23.94
CA ASN C 177 -13.74 27.38 -23.66
C ASN C 177 -13.66 28.23 -24.93
N VAL D 15 -3.43 -6.87 16.51
CA VAL D 15 -3.98 -6.72 15.16
C VAL D 15 -4.91 -5.54 15.16
N PRO D 16 -4.81 -4.74 14.13
CA PRO D 16 -5.64 -3.56 14.11
C PRO D 16 -7.09 -3.98 13.84
N ARG D 17 -8.03 -3.21 14.32
CA ARG D 17 -9.46 -3.51 14.15
C ARG D 17 -10.11 -2.61 13.10
N GLY D 18 -9.39 -1.55 12.72
CA GLY D 18 -9.93 -0.55 11.81
C GLY D 18 -10.68 0.53 12.54
N SER D 19 -11.57 1.22 11.83
CA SER D 19 -12.29 2.36 12.39
C SER D 19 -13.79 2.16 12.58
N HIS D 20 -14.40 1.20 11.88
CA HIS D 20 -15.83 0.95 12.04
C HIS D 20 -16.18 -0.52 11.79
N MET D 21 -17.32 -0.96 12.32
CA MET D 21 -17.73 -2.35 12.20
C MET D 21 -18.48 -2.55 10.89
N THR D 22 -18.06 -3.57 10.14
CA THR D 22 -18.74 -3.96 8.91
C THR D 22 -19.10 -5.43 9.06
N GLY D 23 -20.20 -5.83 8.44
CA GLY D 23 -20.65 -7.20 8.55
C GLY D 23 -21.50 -7.59 7.37
N ALA D 24 -21.37 -8.84 6.96
CA ALA D 24 -22.13 -9.37 5.84
C ALA D 24 -23.18 -10.36 6.30
N VAL D 25 -24.38 -10.23 5.77
CA VAL D 25 -25.35 -11.31 5.81
C VAL D 25 -25.27 -12.08 4.49
N CYS D 26 -25.14 -13.41 4.61
CA CYS D 26 -25.24 -14.32 3.48
C CYS D 26 -26.55 -15.08 3.61
N PRO D 27 -27.61 -14.58 2.98
CA PRO D 27 -28.95 -15.16 3.10
C PRO D 27 -29.21 -16.27 2.11
N GLY D 28 -30.07 -17.23 2.48
CA GLY D 28 -30.44 -18.30 1.59
C GLY D 28 -31.29 -19.37 2.23
N SER D 29 -31.77 -20.31 1.43
CA SER D 29 -32.52 -21.44 1.94
C SER D 29 -31.61 -22.61 2.33
N PHE D 30 -30.42 -22.66 1.71
CA PHE D 30 -29.40 -23.68 2.00
C PHE D 30 -29.96 -25.09 2.18
N ASP D 31 -30.62 -25.59 1.14
CA ASP D 31 -31.30 -26.87 1.21
C ASP D 31 -30.83 -27.87 0.14
N PRO D 32 -29.61 -28.43 0.29
CA PRO D 32 -28.62 -28.19 1.35
C PRO D 32 -27.54 -27.18 0.96
N VAL D 33 -26.74 -26.77 1.94
CA VAL D 33 -25.55 -25.98 1.66
C VAL D 33 -24.61 -26.74 0.70
N THR D 34 -24.01 -26.01 -0.25
CA THR D 34 -23.05 -26.60 -1.17
C THR D 34 -21.66 -25.99 -0.99
N LEU D 35 -20.66 -26.55 -1.68
CA LEU D 35 -19.33 -25.94 -1.62
C LEU D 35 -19.25 -24.60 -2.35
N GLY D 36 -20.19 -24.36 -3.26
CA GLY D 36 -20.38 -23.02 -3.82
C GLY D 36 -20.73 -22.00 -2.75
N HIS D 37 -21.66 -22.37 -1.87
CA HIS D 37 -22.03 -21.51 -0.74
C HIS D 37 -20.85 -21.29 0.19
N VAL D 38 -20.15 -22.38 0.54
CA VAL D 38 -19.01 -22.30 1.48
C VAL D 38 -17.92 -21.39 0.93
N ASP D 39 -17.65 -21.48 -0.38
CA ASP D 39 -16.66 -20.62 -0.99
C ASP D 39 -16.99 -19.15 -0.73
N ILE D 40 -18.26 -18.79 -0.90
CA ILE D 40 -18.67 -17.41 -0.71
C ILE D 40 -18.65 -17.01 0.77
N PHE D 41 -19.05 -17.92 1.65
CA PHE D 41 -18.93 -17.68 3.11
C PHE D 41 -17.49 -17.31 3.46
N GLU D 42 -16.53 -18.07 2.91
CA GLU D 42 -15.12 -17.85 3.20
C GLU D 42 -14.64 -16.49 2.72
N ARG D 43 -15.09 -16.12 1.53
CA ARG D 43 -14.67 -14.84 0.97
C ARG D 43 -15.25 -13.68 1.74
N ALA D 44 -16.51 -13.81 2.15
CA ALA D 44 -17.16 -12.82 3.02
C ALA D 44 -16.45 -12.70 4.37
N ALA D 45 -16.14 -13.85 4.96
CA ALA D 45 -15.48 -13.86 6.27
C ALA D 45 -14.10 -13.20 6.22
N ALA D 46 -13.42 -13.33 5.07
CA ALA D 46 -12.10 -12.71 4.88
C ALA D 46 -12.14 -11.18 4.78
N GLN D 47 -13.29 -10.64 4.41
CA GLN D 47 -13.36 -9.22 4.02
C GLN D 47 -14.27 -8.34 4.88
N PHE D 48 -14.88 -8.93 5.90
CA PHE D 48 -15.80 -8.22 6.80
C PHE D 48 -15.46 -8.60 8.25
N ASP D 49 -15.80 -7.74 9.21
CA ASP D 49 -15.61 -8.08 10.64
C ASP D 49 -16.36 -9.35 11.03
N GLU D 50 -17.61 -9.44 10.61
CA GLU D 50 -18.50 -10.53 10.97
C GLU D 50 -19.33 -10.95 9.78
N VAL D 51 -19.72 -12.22 9.78
CA VAL D 51 -20.65 -12.74 8.79
C VAL D 51 -21.75 -13.48 9.52
N VAL D 52 -22.99 -13.21 9.13
CA VAL D 52 -24.11 -14.03 9.57
C VAL D 52 -24.72 -14.76 8.37
N VAL D 53 -24.69 -16.08 8.42
CA VAL D 53 -25.44 -16.88 7.45
C VAL D 53 -26.89 -16.92 7.91
N ALA D 54 -27.77 -16.33 7.10
CA ALA D 54 -29.18 -16.25 7.45
C ALA D 54 -29.93 -17.32 6.70
N ILE D 55 -30.45 -18.28 7.44
CA ILE D 55 -31.26 -19.32 6.82
C ILE D 55 -32.71 -18.83 6.84
N LEU D 56 -33.22 -18.56 5.64
CA LEU D 56 -34.58 -18.07 5.46
C LEU D 56 -35.36 -19.12 4.68
N VAL D 57 -36.17 -19.91 5.37
CA VAL D 57 -37.00 -20.95 4.76
C VAL D 57 -38.28 -20.38 4.16
N ASN D 58 -38.72 -21.03 3.07
CA ASN D 58 -39.93 -20.60 2.37
C ASN D 58 -41.17 -21.31 2.91
N PRO D 59 -42.22 -20.60 3.13
CA PRO D 59 -43.47 -21.27 3.39
C PRO D 59 -43.99 -21.89 2.07
N ALA D 60 -43.56 -21.32 0.98
CA ALA D 60 -44.10 -21.81 -0.31
C ALA D 60 -43.52 -23.15 -0.82
N LYS D 61 -42.25 -23.42 -0.60
CA LYS D 61 -41.60 -24.61 -1.09
C LYS D 61 -41.23 -25.32 0.16
N THR D 62 -41.60 -26.51 0.37
CA THR D 62 -41.04 -27.29 1.42
C THR D 62 -39.79 -27.93 0.77
N GLY D 63 -38.74 -28.05 1.51
CA GLY D 63 -37.55 -28.57 0.90
C GLY D 63 -37.33 -29.95 1.33
N MET D 64 -36.13 -30.40 1.13
CA MET D 64 -35.75 -31.72 1.43
C MET D 64 -35.41 -31.82 2.90
N PHE D 65 -34.64 -30.88 3.40
CA PHE D 65 -34.12 -30.95 4.75
C PHE D 65 -34.85 -29.99 5.64
N ASP D 66 -35.10 -30.41 6.89
CA ASP D 66 -35.77 -29.51 7.81
C ASP D 66 -34.79 -28.45 8.32
N LEU D 67 -35.35 -27.40 8.91
CA LEU D 67 -34.55 -26.25 9.35
C LEU D 67 -33.36 -26.64 10.23
N ASP D 68 -33.59 -27.50 11.22
CA ASP D 68 -32.49 -27.93 12.11
C ASP D 68 -31.38 -28.69 11.37
N GLU D 69 -31.75 -29.46 10.36
CA GLU D 69 -30.77 -30.17 9.54
C GLU D 69 -29.97 -29.18 8.69
N ARG D 70 -30.66 -28.19 8.13
CA ARG D 70 -30.00 -27.16 7.32
C ARG D 70 -29.02 -26.35 8.16
N ILE D 71 -29.40 -26.03 9.40
CA ILE D 71 -28.49 -25.34 10.32
C ILE D 71 -27.26 -26.20 10.61
N ALA D 72 -27.49 -27.47 10.97
CA ALA D 72 -26.40 -28.40 11.28
C ALA D 72 -25.41 -28.49 10.13
N MET D 73 -25.94 -28.62 8.91
CA MET D 73 -25.06 -28.76 7.75
C MET D 73 -24.21 -27.51 7.53
N VAL D 74 -24.81 -26.34 7.70
CA VAL D 74 -24.04 -25.09 7.57
C VAL D 74 -23.00 -24.99 8.68
N LYS D 75 -23.42 -25.29 9.92
CA LYS D 75 -22.44 -25.27 11.02
C LYS D 75 -21.29 -26.23 10.80
N GLU D 76 -21.61 -27.46 10.40
CA GLU D 76 -20.59 -28.48 10.16
C GLU D 76 -19.58 -28.06 9.10
N SER D 77 -20.03 -27.23 8.15
CA SER D 77 -19.19 -26.83 7.04
CA SER D 77 -19.24 -26.74 7.06
C SER D 77 -18.47 -25.50 7.26
N THR D 78 -18.68 -24.87 8.42
CA THR D 78 -18.12 -23.53 8.67
C THR D 78 -17.42 -23.40 10.02
N THR D 79 -16.96 -24.52 10.56
CA THR D 79 -16.33 -24.48 11.90
C THR D 79 -15.01 -23.71 11.88
N HIS D 80 -14.44 -23.52 10.68
CA HIS D 80 -13.14 -22.89 10.48
C HIS D 80 -13.20 -21.37 10.29
N LEU D 81 -14.40 -20.80 10.32
CA LEU D 81 -14.58 -19.37 10.14
C LEU D 81 -15.03 -18.73 11.45
N PRO D 82 -14.09 -18.17 12.22
CA PRO D 82 -14.40 -17.78 13.60
C PRO D 82 -15.32 -16.58 13.73
N ASN D 83 -15.38 -15.77 12.67
CA ASN D 83 -16.20 -14.57 12.68
C ASN D 83 -17.53 -14.77 11.97
N LEU D 84 -17.88 -16.02 11.74
CA LEU D 84 -19.15 -16.36 11.11
C LEU D 84 -20.10 -17.08 12.08
N ARG D 85 -21.37 -16.68 12.05
CA ARG D 85 -22.41 -17.43 12.76
C ARG D 85 -23.63 -17.70 11.89
N VAL D 86 -24.37 -18.73 12.27
CA VAL D 86 -25.55 -19.15 11.53
C VAL D 86 -26.76 -18.81 12.36
N GLN D 87 -27.69 -18.06 11.76
CA GLN D 87 -28.95 -17.73 12.43
C GLN D 87 -30.14 -17.93 11.50
N VAL D 88 -31.31 -18.14 12.10
CA VAL D 88 -32.55 -18.28 11.34
C VAL D 88 -33.18 -16.89 11.16
N GLY D 89 -33.60 -16.57 9.95
CA GLY D 89 -34.33 -15.33 9.67
C GLY D 89 -35.78 -15.62 9.35
N HIS D 90 -36.66 -14.64 9.63
CA HIS D 90 -38.12 -14.85 9.50
C HIS D 90 -38.91 -13.80 8.70
N GLY D 91 -38.26 -12.71 8.30
CA GLY D 91 -38.93 -11.68 7.51
C GLY D 91 -38.07 -11.19 6.37
N LEU D 92 -37.95 -9.87 6.25
CA LEU D 92 -37.12 -9.26 5.21
C LEU D 92 -35.66 -9.50 5.53
N VAL D 93 -34.89 -9.86 4.51
CA VAL D 93 -33.43 -9.92 4.67
C VAL D 93 -32.85 -8.61 5.22
N VAL D 94 -33.35 -7.46 4.76
CA VAL D 94 -32.82 -6.19 5.25
C VAL D 94 -33.10 -5.96 6.74
N ASP D 95 -34.24 -6.46 7.21
CA ASP D 95 -34.58 -6.37 8.64
C ASP D 95 -33.65 -7.24 9.47
N PHE D 96 -33.30 -8.40 8.92
CA PHE D 96 -32.32 -9.29 9.53
C PHE D 96 -30.93 -8.64 9.58
N VAL D 97 -30.52 -8.00 8.48
CA VAL D 97 -29.25 -7.27 8.44
C VAL D 97 -29.20 -6.22 9.56
N ARG D 98 -30.26 -5.45 9.70
CA ARG D 98 -30.30 -4.41 10.74
C ARG D 98 -30.39 -5.00 12.15
N SER D 99 -31.15 -6.08 12.32
CA SER D 99 -31.33 -6.66 13.66
C SER D 99 -30.06 -7.37 14.17
N CYS D 100 -29.27 -7.91 13.25
CA CYS D 100 -28.02 -8.60 13.60
CA CYS D 100 -28.07 -8.51 13.62
C CYS D 100 -26.85 -7.63 13.71
N GLY D 101 -27.08 -6.38 13.33
CA GLY D 101 -26.04 -5.36 13.34
C GLY D 101 -25.01 -5.55 12.23
N MET D 102 -25.41 -6.23 11.16
CA MET D 102 -24.57 -6.34 9.96
C MET D 102 -24.76 -5.07 9.12
N THR D 103 -24.01 -4.95 8.02
CA THR D 103 -24.09 -3.73 7.20
C THR D 103 -24.37 -3.95 5.71
N ALA D 104 -24.21 -5.18 5.26
CA ALA D 104 -24.24 -5.49 3.84
C ALA D 104 -24.76 -6.88 3.63
N ILE D 105 -25.15 -7.18 2.40
CA ILE D 105 -25.51 -8.53 1.98
C ILE D 105 -24.44 -8.96 0.99
N VAL D 106 -23.99 -10.21 1.11
CA VAL D 106 -23.07 -10.78 0.12
C VAL D 106 -23.75 -11.98 -0.52
N LYS D 107 -23.81 -11.96 -1.86
CA LYS D 107 -24.46 -13.00 -2.65
C LYS D 107 -23.48 -13.60 -3.65
N GLY D 108 -23.49 -14.92 -3.77
CA GLY D 108 -22.62 -15.59 -4.73
C GLY D 108 -23.22 -15.65 -6.11
N LEU D 109 -22.37 -15.61 -7.12
CA LEU D 109 -22.75 -15.83 -8.51
C LEU D 109 -22.19 -17.14 -9.01
N ARG D 110 -22.98 -17.87 -9.78
CA ARG D 110 -22.55 -19.14 -10.33
C ARG D 110 -23.15 -19.28 -11.72
N THR D 111 -22.77 -20.35 -12.43
CA THR D 111 -23.44 -20.65 -13.70
C THR D 111 -24.89 -20.99 -13.41
N GLY D 112 -25.80 -20.25 -14.04
CA GLY D 112 -27.21 -20.46 -13.80
C GLY D 112 -27.88 -19.50 -12.82
N THR D 113 -27.09 -18.62 -12.20
CA THR D 113 -27.70 -17.58 -11.36
C THR D 113 -28.64 -16.72 -12.21
N ASP D 114 -29.81 -16.42 -11.64
CA ASP D 114 -30.72 -15.45 -12.24
C ASP D 114 -30.20 -14.08 -11.84
N PHE D 115 -29.23 -13.57 -12.59
CA PHE D 115 -28.55 -12.36 -12.18
C PHE D 115 -29.46 -11.14 -12.25
N GLU D 116 -30.35 -11.11 -13.25
CA GLU D 116 -31.28 -9.99 -13.37
CA GLU D 116 -31.32 -9.90 -13.35
C GLU D 116 -32.17 -9.87 -12.14
N TYR D 117 -32.63 -11.01 -11.62
CA TYR D 117 -33.43 -10.99 -10.41
C TYR D 117 -32.61 -10.62 -9.18
N GLU D 118 -31.37 -11.11 -9.11
CA GLU D 118 -30.49 -10.68 -8.03
C GLU D 118 -30.29 -9.15 -8.07
N LEU D 119 -30.13 -8.59 -9.27
CA LEU D 119 -29.98 -7.14 -9.38
C LEU D 119 -31.25 -6.44 -8.93
N GLN D 120 -32.39 -7.00 -9.29
CA GLN D 120 -33.67 -6.39 -8.89
C GLN D 120 -33.78 -6.35 -7.37
N MET D 121 -33.51 -7.49 -6.73
CA MET D 121 -33.54 -7.58 -5.27
C MET D 121 -32.53 -6.63 -4.63
N ALA D 122 -31.34 -6.53 -5.21
CA ALA D 122 -30.33 -5.64 -4.66
C ALA D 122 -30.81 -4.19 -4.70
N GLN D 123 -31.40 -3.78 -5.82
CA GLN D 123 -31.86 -2.39 -5.92
C GLN D 123 -33.03 -2.16 -4.95
N MET D 124 -33.89 -3.17 -4.84
CA MET D 124 -35.02 -3.08 -3.91
C MET D 124 -34.55 -2.99 -2.46
N ASN D 125 -33.60 -3.85 -2.10
CA ASN D 125 -33.05 -3.86 -0.74
C ASN D 125 -32.35 -2.55 -0.39
N LYS D 126 -31.65 -1.97 -1.36
CA LYS D 126 -31.01 -0.67 -1.15
C LYS D 126 -32.08 0.43 -0.97
N HIS D 127 -33.13 0.37 -1.78
CA HIS D 127 -34.21 1.35 -1.69
C HIS D 127 -34.93 1.31 -0.35
N ILE D 128 -35.30 0.13 0.10
CA ILE D 128 -36.16 0.03 1.29
C ILE D 128 -35.43 0.20 2.61
N ALA D 129 -34.12 -0.07 2.63
CA ALA D 129 -33.38 -0.10 3.90
C ALA D 129 -31.98 0.50 3.84
N GLY D 130 -31.51 0.88 2.66
CA GLY D 130 -30.18 1.48 2.50
C GLY D 130 -29.05 0.47 2.56
N VAL D 131 -29.39 -0.81 2.48
CA VAL D 131 -28.43 -1.91 2.58
C VAL D 131 -27.81 -2.21 1.22
N ASP D 132 -26.48 -2.26 1.18
CA ASP D 132 -25.72 -2.60 -0.03
C ASP D 132 -25.62 -4.11 -0.21
N THR D 133 -25.60 -4.54 -1.47
CA THR D 133 -25.34 -5.94 -1.80
C THR D 133 -24.09 -6.04 -2.66
N PHE D 134 -23.19 -6.94 -2.25
CA PHE D 134 -22.00 -7.25 -3.03
C PHE D 134 -22.14 -8.64 -3.62
N PHE D 135 -21.81 -8.76 -4.90
CA PHE D 135 -21.84 -10.04 -5.59
C PHE D 135 -20.43 -10.53 -5.81
N VAL D 136 -20.23 -11.83 -5.60
CA VAL D 136 -18.89 -12.43 -5.79
CA VAL D 136 -18.94 -12.35 -5.77
C VAL D 136 -19.04 -13.72 -6.60
N ALA D 137 -18.20 -13.87 -7.62
CA ALA D 137 -18.21 -15.08 -8.45
C ALA D 137 -17.63 -16.27 -7.69
N THR D 138 -18.38 -17.36 -7.63
CA THR D 138 -17.89 -18.62 -7.03
CA THR D 138 -17.93 -18.53 -7.01
C THR D 138 -16.70 -19.17 -7.83
N ALA D 139 -15.81 -19.88 -7.14
CA ALA D 139 -14.67 -20.55 -7.78
C ALA D 139 -15.16 -21.41 -8.93
N PRO D 140 -14.40 -21.45 -10.04
CA PRO D 140 -14.88 -22.25 -11.18
C PRO D 140 -15.27 -23.70 -10.85
N ARG D 141 -14.51 -24.39 -9.99
CA ARG D 141 -14.84 -25.78 -9.70
C ARG D 141 -16.18 -25.95 -8.97
N TYR D 142 -16.64 -24.87 -8.33
CA TYR D 142 -17.92 -24.88 -7.62
C TYR D 142 -18.99 -24.04 -8.32
N SER D 143 -18.73 -23.66 -9.56
CA SER D 143 -19.58 -22.73 -10.29
C SER D 143 -20.81 -23.37 -10.92
N PHE D 144 -20.96 -24.68 -10.87
CA PHE D 144 -22.12 -25.30 -11.50
C PHE D 144 -22.96 -26.14 -10.55
N VAL D 145 -22.58 -26.18 -9.28
CA VAL D 145 -23.45 -26.79 -8.27
C VAL D 145 -24.50 -25.77 -7.78
N SER D 146 -25.72 -26.26 -7.58
CA SER D 146 -26.75 -25.52 -6.86
C SER D 146 -27.43 -26.53 -5.95
N SER D 147 -28.15 -26.06 -4.94
CA SER D 147 -28.86 -26.96 -4.05
C SER D 147 -29.85 -27.82 -4.83
N SER D 148 -30.65 -27.19 -5.68
CA SER D 148 -31.66 -27.92 -6.44
CA SER D 148 -31.70 -27.84 -6.42
C SER D 148 -31.05 -28.94 -7.39
N LEU D 149 -29.99 -28.56 -8.12
CA LEU D 149 -29.41 -29.51 -9.08
C LEU D 149 -28.68 -30.65 -8.37
N ALA D 150 -28.01 -30.33 -7.27
CA ALA D 150 -27.34 -31.35 -6.47
C ALA D 150 -28.34 -32.41 -5.97
N LYS D 151 -29.48 -31.95 -5.45
CA LYS D 151 -30.55 -32.85 -5.00
C LYS D 151 -31.06 -33.71 -6.15
N GLU D 152 -31.33 -33.08 -7.29
CA GLU D 152 -31.88 -33.79 -8.45
C GLU D 152 -30.95 -34.91 -8.88
N VAL D 153 -29.67 -34.60 -9.03
CA VAL D 153 -28.67 -35.55 -9.46
C VAL D 153 -28.48 -36.66 -8.41
N ALA D 154 -28.36 -36.29 -7.14
CA ALA D 154 -28.10 -37.27 -6.08
C ALA D 154 -29.23 -38.29 -5.96
N MET D 155 -30.47 -37.83 -6.08
CA MET D 155 -31.63 -38.71 -5.94
C MET D 155 -31.81 -39.67 -7.13
N LEU D 156 -31.15 -39.34 -8.24
CA LEU D 156 -31.14 -40.23 -9.40
C LEU D 156 -29.88 -41.10 -9.46
N GLY D 157 -29.09 -41.06 -8.40
CA GLY D 157 -27.92 -41.92 -8.27
C GLY D 157 -26.59 -41.34 -8.72
N GLY D 158 -26.59 -40.07 -9.12
CA GLY D 158 -25.36 -39.43 -9.58
C GLY D 158 -24.43 -39.01 -8.46
N ASP D 159 -23.15 -38.89 -8.77
CA ASP D 159 -22.12 -38.57 -7.79
C ASP D 159 -21.79 -37.07 -7.79
N VAL D 160 -22.34 -36.35 -6.81
CA VAL D 160 -22.03 -34.92 -6.62
C VAL D 160 -21.17 -34.68 -5.37
N SER D 161 -20.49 -35.73 -4.90
CA SER D 161 -19.74 -35.65 -3.64
C SER D 161 -18.61 -34.62 -3.63
N GLU D 162 -18.04 -34.34 -4.80
CA GLU D 162 -16.97 -33.36 -4.88
C GLU D 162 -17.49 -31.91 -4.79
N LEU D 163 -18.81 -31.75 -4.81
CA LEU D 163 -19.43 -30.44 -4.89
C LEU D 163 -20.12 -30.00 -3.61
N LEU D 164 -20.10 -30.88 -2.62
CA LEU D 164 -20.83 -30.67 -1.37
C LEU D 164 -19.92 -30.99 -0.20
N PRO D 165 -20.12 -30.32 0.95
CA PRO D 165 -19.36 -30.72 2.14
C PRO D 165 -19.62 -32.18 2.47
N GLU D 166 -18.61 -32.84 3.04
CA GLU D 166 -18.74 -34.25 3.38
C GLU D 166 -19.94 -34.53 4.30
N PRO D 167 -20.21 -33.65 5.28
CA PRO D 167 -21.39 -33.93 6.11
C PRO D 167 -22.72 -33.87 5.34
N VAL D 168 -22.76 -33.09 4.26
CA VAL D 168 -23.94 -33.06 3.39
C VAL D 168 -24.02 -34.35 2.59
N ASN D 169 -22.87 -34.79 2.11
CA ASN D 169 -22.82 -36.05 1.42
C ASN D 169 -23.34 -37.17 2.32
N ARG D 170 -22.95 -37.15 3.57
CA ARG D 170 -23.36 -38.23 4.51
CA ARG D 170 -23.35 -38.18 4.53
C ARG D 170 -24.85 -38.24 4.64
N ARG D 171 -25.52 -37.13 4.62
CA ARG D 171 -26.97 -37.05 4.76
C ARG D 171 -27.75 -37.40 3.50
N LEU D 172 -27.18 -37.11 2.34
CA LEU D 172 -27.81 -37.46 1.08
C LEU D 172 -27.81 -38.96 0.83
N ARG D 173 -26.70 -39.61 1.18
CA ARG D 173 -26.59 -41.06 1.09
C ARG D 173 -27.62 -41.74 2.00
N ASP D 174 -27.77 -41.20 3.20
CA ASP D 174 -28.71 -41.73 4.19
C ASP D 174 -30.18 -41.44 3.85
N ARG D 175 -30.42 -40.78 2.72
CA ARG D 175 -31.78 -40.60 2.21
C ARG D 175 -32.10 -41.57 1.07
N LEU D 176 -31.02 -42.13 0.65
CA LEU D 176 -31.20 -43.31 -0.20
C LEU D 176 -31.09 -44.55 0.69
N ASN D 177 -31.92 -44.61 1.72
CA ASN D 177 -31.93 -45.74 2.65
C ASN D 177 -33.34 -46.23 2.94
#